data_5GS5
#
_entry.id   5GS5
#
_cell.length_a   138.290
_cell.length_b   75.510
_cell.length_c   87.640
_cell.angle_alpha   90.000
_cell.angle_beta   115.350
_cell.angle_gamma   90.000
#
_symmetry.space_group_name_H-M   'C 1 2 1'
#
loop_
_entity.id
_entity.type
_entity.pdbx_description
1 polymer 'Stimulator of interferon genes protein'
2 non-polymer 'SULFATE ION'
3 water water
#
_entity_poly.entity_id   1
_entity_poly.type   'polypeptide(L)'
_entity_poly.pdbx_seq_one_letter_code
;MGSSHHHHHHSSGENLYFQGSHMAPAEVSAVCEEKNFNVAHGLAWSYYIGYLKLILPGLQARIRMFNQLHNNMLSGAGSR
RLYILFPLDCGVPDDLSVADPNIRFRDMLPQQNTDRAGVKNRAYSNSVYELLENGQPAGACILEYATPLQTLFAMSQDGK
AGFSREDRLEQAKLFCRTLEEILADVPESRNHCRLIVYQESEEGNSFSLSQEVLRHIRQEEAAAA
;
_entity_poly.pdbx_strand_id   A,B,C,D
#
# COMPACT_ATOMS: atom_id res chain seq x y z
N GLY A 20 -8.89 -27.20 -4.91
CA GLY A 20 -9.79 -27.97 -5.75
C GLY A 20 -11.11 -28.24 -5.07
N SER A 21 -11.48 -27.38 -4.13
CA SER A 21 -12.70 -27.54 -3.35
C SER A 21 -13.79 -26.59 -3.78
N HIS A 22 -14.74 -27.03 -4.59
CA HIS A 22 -15.78 -26.14 -5.09
C HIS A 22 -16.74 -25.76 -3.97
N MET A 23 -17.31 -24.57 -4.00
CA MET A 23 -18.40 -24.25 -3.11
C MET A 23 -19.72 -24.93 -3.52
N ALA A 24 -20.59 -25.14 -2.57
CA ALA A 24 -21.89 -25.67 -2.88
C ALA A 24 -22.74 -24.59 -3.57
N PRO A 25 -23.69 -25.01 -4.40
CA PRO A 25 -24.57 -24.05 -5.06
C PRO A 25 -25.42 -23.35 -4.04
N ALA A 26 -25.92 -22.18 -4.38
CA ALA A 26 -26.63 -21.33 -3.47
C ALA A 26 -27.69 -20.49 -4.18
N GLU A 27 -28.85 -20.39 -3.59
CA GLU A 27 -29.92 -19.56 -4.08
C GLU A 27 -29.86 -18.31 -3.28
N VAL A 28 -29.66 -17.20 -3.96
CA VAL A 28 -29.36 -15.97 -3.25
C VAL A 28 -30.53 -15.34 -2.50
N SER A 29 -31.74 -15.71 -2.83
CA SER A 29 -32.91 -15.16 -2.17
C SER A 29 -33.37 -15.90 -0.86
N ALA A 30 -32.77 -17.03 -0.58
CA ALA A 30 -33.06 -17.81 0.61
C ALA A 30 -32.46 -17.08 1.81
N VAL A 31 -33.09 -17.19 2.98
CA VAL A 31 -32.63 -16.53 4.16
C VAL A 31 -31.74 -17.47 5.00
N CYS A 32 -30.52 -17.02 5.30
CA CYS A 32 -29.60 -17.83 6.06
C CYS A 32 -28.55 -17.02 6.83
N GLU A 33 -27.86 -17.67 7.73
CA GLU A 33 -26.72 -17.09 8.40
C GLU A 33 -25.58 -18.05 8.23
N GLU A 34 -24.36 -17.52 8.15
CA GLU A 34 -23.19 -18.36 8.11
C GLU A 34 -23.12 -19.11 9.45
N LYS A 35 -22.80 -20.39 9.42
CA LYS A 35 -22.59 -21.13 10.64
C LYS A 35 -21.16 -20.84 11.16
N ASN A 36 -21.06 -20.46 12.39
CA ASN A 36 -19.79 -20.20 12.99
C ASN A 36 -19.96 -19.78 14.45
N PHE A 37 -18.87 -19.76 15.19
CA PHE A 37 -18.89 -19.70 16.65
C PHE A 37 -18.74 -18.31 17.26
N ASN A 38 -19.16 -17.30 16.51
CA ASN A 38 -18.90 -15.95 16.89
C ASN A 38 -19.88 -15.41 17.92
N VAL A 39 -19.86 -15.99 19.09
CA VAL A 39 -20.65 -15.55 20.21
C VAL A 39 -20.19 -14.25 20.89
N ALA A 40 -19.00 -13.78 20.57
CA ALA A 40 -18.36 -12.70 21.31
C ALA A 40 -19.21 -11.43 21.29
N HIS A 41 -19.87 -11.20 20.19
CA HIS A 41 -20.71 -10.02 20.04
C HIS A 41 -21.89 -9.95 21.00
N GLY A 42 -22.54 -11.07 21.19
CA GLY A 42 -23.56 -11.19 22.18
C GLY A 42 -23.06 -11.02 23.60
N LEU A 43 -21.93 -11.61 23.88
CA LEU A 43 -21.34 -11.48 25.19
C LEU A 43 -21.02 -10.02 25.50
N ALA A 44 -20.42 -9.35 24.55
CA ALA A 44 -20.05 -7.97 24.74
C ALA A 44 -21.26 -7.05 24.92
N TRP A 45 -22.26 -7.21 24.09
CA TRP A 45 -23.44 -6.43 24.24
C TRP A 45 -24.15 -6.71 25.55
N SER A 46 -24.22 -7.97 25.94
CA SER A 46 -24.91 -8.30 27.17
C SER A 46 -24.21 -7.65 28.39
N TYR A 47 -22.91 -7.77 28.35
CA TYR A 47 -22.07 -7.23 29.40
C TYR A 47 -22.19 -5.70 29.51
N TYR A 48 -22.22 -5.02 28.37
CA TYR A 48 -22.37 -3.60 28.40
C TYR A 48 -23.79 -3.15 28.79
N ILE A 49 -24.80 -3.57 28.03
CA ILE A 49 -26.16 -3.18 28.29
C ILE A 49 -26.70 -3.59 29.65
N GLY A 50 -26.34 -4.80 30.06
CA GLY A 50 -26.84 -5.40 31.25
C GLY A 50 -25.99 -5.34 32.52
N TYR A 51 -24.86 -4.63 32.46
CA TYR A 51 -24.03 -4.46 33.62
C TYR A 51 -23.35 -3.08 33.62
N LEU A 52 -22.41 -2.92 32.71
CA LEU A 52 -21.57 -1.73 32.73
C LEU A 52 -22.39 -0.46 32.57
N LYS A 53 -23.31 -0.44 31.64
CA LYS A 53 -24.13 0.71 31.42
C LYS A 53 -24.97 1.03 32.66
N LEU A 54 -25.35 -0.01 33.36
CA LEU A 54 -26.11 0.14 34.57
C LEU A 54 -25.31 0.81 35.70
N ILE A 55 -24.08 0.38 35.93
CA ILE A 55 -23.35 0.90 37.06
C ILE A 55 -22.58 2.21 36.83
N LEU A 56 -22.24 2.47 35.59
CA LEU A 56 -21.33 3.58 35.29
C LEU A 56 -21.86 4.92 35.78
N PRO A 57 -23.14 5.22 35.60
CA PRO A 57 -23.64 6.51 36.04
C PRO A 57 -23.51 6.75 37.55
N GLY A 58 -23.49 5.72 38.37
CA GLY A 58 -23.34 5.88 39.79
C GLY A 58 -21.94 5.65 40.36
N LEU A 59 -21.00 5.33 39.50
CA LEU A 59 -19.68 5.01 39.98
C LEU A 59 -19.01 6.14 40.74
N GLN A 60 -19.07 7.35 40.21
CA GLN A 60 -18.38 8.47 40.88
C GLN A 60 -18.98 8.78 42.24
N ALA A 61 -20.29 8.69 42.31
CA ALA A 61 -20.99 8.89 43.58
C ALA A 61 -20.59 7.85 44.63
N ARG A 62 -20.48 6.62 44.19
CA ARG A 62 -20.08 5.54 45.05
C ARG A 62 -18.63 5.72 45.53
N ILE A 63 -17.81 6.22 44.64
CA ILE A 63 -16.44 6.53 44.96
C ILE A 63 -16.34 7.63 46.01
N ARG A 64 -17.16 8.63 45.88
CA ARG A 64 -17.20 9.70 46.87
C ARG A 64 -17.62 9.17 48.27
N MET A 65 -18.59 8.27 48.28
CA MET A 65 -18.98 7.65 49.51
C MET A 65 -17.83 6.83 50.07
N PHE A 66 -17.17 6.10 49.23
CA PHE A 66 -16.06 5.31 49.65
C PHE A 66 -14.93 6.19 50.24
N ASN A 67 -14.63 7.26 49.56
CA ASN A 67 -13.56 8.16 49.95
C ASN A 67 -13.88 8.79 51.29
N GLN A 68 -15.14 9.09 51.53
CA GLN A 68 -15.59 9.66 52.79
C GLN A 68 -15.28 8.74 53.97
N LEU A 69 -15.37 7.45 53.75
CA LEU A 69 -15.09 6.47 54.77
C LEU A 69 -13.67 5.89 54.78
N HIS A 70 -12.84 6.23 53.80
CA HIS A 70 -11.54 5.65 53.59
C HIS A 70 -10.37 6.62 53.44
N ASN A 71 -10.53 7.80 53.99
CA ASN A 71 -9.50 8.79 53.99
C ASN A 71 -9.07 9.13 52.57
N ASN A 72 -10.05 9.24 51.69
CA ASN A 72 -9.75 9.63 50.34
C ASN A 72 -8.75 8.73 49.65
N MET A 73 -8.85 7.45 49.89
CA MET A 73 -7.94 6.49 49.30
C MET A 73 -7.92 6.50 47.75
N LEU A 74 -9.06 6.73 47.14
CA LEU A 74 -9.20 6.85 45.71
C LEU A 74 -9.25 8.34 45.27
N SER A 75 -8.13 9.04 45.30
CA SER A 75 -8.19 10.45 44.98
C SER A 75 -7.86 10.84 43.57
N GLY A 76 -6.94 10.20 42.95
CA GLY A 76 -6.58 10.58 41.61
C GLY A 76 -7.53 10.07 40.54
N ALA A 77 -7.44 10.66 39.36
CA ALA A 77 -8.25 10.22 38.26
C ALA A 77 -8.01 8.75 37.92
N GLY A 78 -6.79 8.31 38.02
CA GLY A 78 -6.44 6.94 37.82
C GLY A 78 -7.10 5.98 38.78
N SER A 79 -7.41 6.46 39.96
CA SER A 79 -8.08 5.68 40.96
C SER A 79 -9.61 5.71 40.90
N ARG A 80 -10.15 6.52 40.01
CA ARG A 80 -11.56 6.68 39.90
C ARG A 80 -12.13 6.00 38.65
N ARG A 81 -11.52 4.90 38.28
CA ARG A 81 -11.90 4.15 37.11
C ARG A 81 -12.35 2.76 37.51
N LEU A 82 -13.07 2.08 36.65
CA LEU A 82 -13.39 0.69 36.91
C LEU A 82 -12.47 -0.18 36.05
N TYR A 83 -11.52 -0.85 36.68
CA TYR A 83 -10.59 -1.69 35.97
C TYR A 83 -11.10 -3.11 35.83
N ILE A 84 -11.15 -3.58 34.61
CA ILE A 84 -11.66 -4.88 34.32
C ILE A 84 -10.58 -5.79 33.77
N LEU A 85 -10.32 -6.85 34.49
CA LEU A 85 -9.33 -7.84 34.11
C LEU A 85 -9.86 -8.76 33.00
N PHE A 86 -9.07 -8.96 31.96
CA PHE A 86 -9.40 -9.68 30.75
C PHE A 86 -8.29 -10.69 30.40
N PRO A 87 -8.25 -11.76 31.14
CA PRO A 87 -7.28 -12.83 30.89
C PRO A 87 -7.75 -13.59 29.67
N LEU A 88 -6.99 -13.50 28.58
CA LEU A 88 -7.37 -14.09 27.30
C LEU A 88 -7.49 -15.61 27.33
N ASP A 89 -6.81 -16.22 28.28
CA ASP A 89 -6.94 -17.63 28.47
C ASP A 89 -8.23 -18.00 29.18
N CYS A 90 -8.95 -16.98 29.61
CA CYS A 90 -10.25 -17.20 30.24
C CYS A 90 -10.20 -17.90 31.58
N GLY A 91 -9.08 -17.82 32.25
CA GLY A 91 -8.98 -18.37 33.57
C GLY A 91 -9.44 -17.35 34.59
N VAL A 92 -10.67 -17.45 35.02
CA VAL A 92 -11.24 -16.62 36.06
C VAL A 92 -11.49 -17.49 37.27
N PRO A 93 -10.95 -17.13 38.41
CA PRO A 93 -11.10 -18.03 39.55
C PRO A 93 -12.56 -18.14 39.97
N ASP A 94 -12.97 -19.29 40.49
CA ASP A 94 -14.36 -19.52 40.77
C ASP A 94 -14.89 -18.56 41.78
N ASP A 95 -14.08 -18.23 42.76
CA ASP A 95 -14.54 -17.34 43.78
C ASP A 95 -14.36 -15.89 43.39
N LEU A 96 -13.84 -15.68 42.21
CA LEU A 96 -13.67 -14.36 41.65
C LEU A 96 -12.65 -13.56 42.46
N SER A 97 -11.93 -14.21 43.34
CA SER A 97 -10.94 -13.50 44.13
C SER A 97 -9.85 -12.95 43.26
N VAL A 98 -9.44 -11.74 43.50
CA VAL A 98 -8.20 -11.33 42.93
C VAL A 98 -7.15 -11.66 43.98
N ALA A 99 -6.29 -12.58 43.64
CA ALA A 99 -5.37 -13.07 44.63
C ALA A 99 -3.93 -13.14 44.18
N ASP A 100 -3.22 -12.10 44.60
CA ASP A 100 -1.86 -11.78 44.26
C ASP A 100 -1.29 -11.25 45.55
N PRO A 101 -0.05 -11.55 45.86
CA PRO A 101 0.56 -11.10 47.11
C PRO A 101 0.64 -9.56 47.16
N ASN A 102 0.63 -8.91 46.02
CA ASN A 102 0.76 -7.48 45.98
C ASN A 102 -0.54 -6.72 45.73
N ILE A 103 -1.64 -7.43 45.73
CA ILE A 103 -2.95 -6.83 45.62
C ILE A 103 -3.74 -7.15 46.89
N ARG A 104 -4.13 -6.15 47.65
CA ARG A 104 -4.74 -6.36 48.92
C ARG A 104 -6.16 -5.83 48.96
N PHE A 105 -7.12 -6.68 49.26
CA PHE A 105 -8.46 -6.24 49.38
C PHE A 105 -8.56 -5.23 50.51
N ARG A 106 -9.21 -4.12 50.27
CA ARG A 106 -9.45 -3.14 51.27
C ARG A 106 -10.90 -3.01 51.75
N ASP A 107 -11.84 -2.85 50.83
CA ASP A 107 -13.24 -2.83 51.18
C ASP A 107 -14.07 -2.92 49.90
N MET A 108 -15.33 -3.32 49.99
CA MET A 108 -16.23 -3.18 48.89
C MET A 108 -16.65 -1.69 48.62
N LEU A 109 -17.04 -1.44 47.40
CA LEU A 109 -17.60 -0.16 47.03
C LEU A 109 -19.08 -0.09 47.48
N PRO A 110 -19.47 0.91 48.29
CA PRO A 110 -20.79 0.92 48.88
C PRO A 110 -21.86 1.18 47.88
N GLN A 111 -23.04 0.63 48.15
CA GLN A 111 -24.18 0.83 47.31
C GLN A 111 -24.78 2.25 47.45
N GLN A 112 -25.49 2.73 46.43
CA GLN A 112 -26.30 3.93 46.48
C GLN A 112 -27.76 3.63 46.77
N ASN A 113 -28.47 4.62 47.29
CA ASN A 113 -29.91 4.60 47.29
C ASN A 113 -30.33 5.31 46.02
N THR A 114 -30.82 4.55 45.06
CA THR A 114 -31.05 5.06 43.71
C THR A 114 -32.36 4.56 43.10
N ASP A 115 -32.96 5.33 42.26
CA ASP A 115 -34.08 4.90 41.44
C ASP A 115 -33.73 4.60 39.99
N ARG A 116 -32.45 4.66 39.66
CA ARG A 116 -31.99 4.41 38.33
C ARG A 116 -32.23 2.97 37.94
N ALA A 117 -32.51 2.73 36.67
CA ALA A 117 -32.89 1.41 36.21
C ALA A 117 -31.84 0.35 36.48
N GLY A 118 -32.28 -0.82 36.81
CA GLY A 118 -31.42 -1.87 37.25
C GLY A 118 -30.83 -1.73 38.64
N VAL A 119 -30.05 -0.70 38.90
CA VAL A 119 -29.44 -0.52 40.19
C VAL A 119 -30.47 -0.27 41.28
N LYS A 120 -31.64 0.16 40.88
CA LYS A 120 -32.70 0.44 41.82
C LYS A 120 -33.01 -0.82 42.63
N ASN A 121 -33.02 -1.97 41.96
CA ASN A 121 -33.35 -3.24 42.57
C ASN A 121 -32.21 -4.20 42.80
N ARG A 122 -31.03 -3.83 42.36
CA ARG A 122 -29.87 -4.64 42.41
C ARG A 122 -28.62 -3.93 43.05
N ALA A 123 -27.98 -4.61 44.00
CA ALA A 123 -26.73 -4.10 44.53
C ALA A 123 -25.61 -4.99 44.01
N TYR A 124 -24.92 -4.44 43.05
CA TYR A 124 -23.83 -5.10 42.49
C TYR A 124 -22.58 -5.08 43.40
N SER A 125 -21.88 -6.18 43.43
CA SER A 125 -20.68 -6.30 44.19
C SER A 125 -19.44 -5.79 43.45
N ASN A 126 -18.81 -4.77 43.99
CA ASN A 126 -17.54 -4.27 43.51
C ASN A 126 -16.57 -4.07 44.69
N SER A 127 -15.30 -4.28 44.43
CA SER A 127 -14.27 -4.23 45.42
C SER A 127 -13.09 -3.35 45.08
N VAL A 128 -12.57 -2.74 46.12
CA VAL A 128 -11.44 -1.86 46.08
C VAL A 128 -10.23 -2.58 46.69
N TYR A 129 -9.14 -2.52 45.94
CA TYR A 129 -7.85 -3.10 46.30
C TYR A 129 -6.71 -2.08 46.34
N GLU A 130 -5.74 -2.37 47.18
CA GLU A 130 -4.51 -1.63 47.30
C GLU A 130 -3.40 -2.42 46.65
N LEU A 131 -2.64 -1.78 45.84
CA LEU A 131 -1.57 -2.43 45.14
C LEU A 131 -0.23 -2.09 45.80
N LEU A 132 0.64 -3.07 45.92
CA LEU A 132 1.95 -2.88 46.49
C LEU A 132 3.05 -3.05 45.44
N GLU A 133 4.05 -2.22 45.55
CA GLU A 133 5.27 -2.38 44.80
C GLU A 133 6.47 -2.20 45.73
N ASN A 134 7.33 -3.20 45.74
CA ASN A 134 8.55 -3.15 46.53
C ASN A 134 8.21 -3.00 48.00
N GLY A 135 7.12 -3.62 48.39
CA GLY A 135 6.59 -3.57 49.72
C GLY A 135 5.89 -2.31 50.11
N GLN A 136 5.71 -1.41 49.17
CA GLN A 136 5.21 -0.11 49.49
C GLN A 136 3.87 0.14 48.81
N PRO A 137 2.99 0.87 49.43
CA PRO A 137 1.73 1.13 48.78
C PRO A 137 1.96 1.96 47.55
N ALA A 138 1.51 1.45 46.42
CA ALA A 138 1.69 2.10 45.16
C ALA A 138 0.42 2.56 44.46
N GLY A 139 -0.71 2.10 44.91
CA GLY A 139 -1.93 2.49 44.30
C GLY A 139 -3.16 1.82 44.87
N ALA A 140 -4.30 2.28 44.43
CA ALA A 140 -5.55 1.67 44.79
C ALA A 140 -6.48 1.72 43.61
N CYS A 141 -7.29 0.69 43.46
CA CYS A 141 -8.31 0.78 42.45
C CYS A 141 -9.48 -0.17 42.66
N ILE A 142 -10.54 0.08 41.95
CA ILE A 142 -11.65 -0.82 41.84
C ILE A 142 -11.29 -1.79 40.75
N LEU A 143 -11.26 -3.06 41.09
CA LEU A 143 -10.80 -4.09 40.19
C LEU A 143 -11.72 -5.32 40.16
N GLU A 144 -11.92 -5.84 38.97
CA GLU A 144 -12.69 -7.06 38.81
C GLU A 144 -12.41 -7.78 37.49
N TYR A 145 -12.80 -9.05 37.44
CA TYR A 145 -12.72 -9.86 36.24
C TYR A 145 -13.91 -9.65 35.34
N ALA A 146 -13.72 -9.82 34.04
CA ALA A 146 -14.82 -9.76 33.11
C ALA A 146 -15.49 -11.13 33.17
N THR A 147 -16.61 -11.17 33.86
CA THR A 147 -17.32 -12.39 34.21
C THR A 147 -17.75 -13.22 32.99
N PRO A 148 -18.08 -12.59 31.87
CA PRO A 148 -18.51 -13.38 30.71
C PRO A 148 -17.42 -14.29 30.09
N LEU A 149 -16.17 -14.09 30.48
CA LEU A 149 -15.05 -14.93 30.10
C LEU A 149 -15.26 -16.36 30.64
N GLN A 150 -15.96 -16.47 31.75
CA GLN A 150 -16.33 -17.76 32.30
C GLN A 150 -17.15 -18.53 31.30
N THR A 151 -18.01 -17.86 30.58
CA THR A 151 -18.82 -18.53 29.63
C THR A 151 -17.99 -19.17 28.55
N LEU A 152 -17.03 -18.41 28.09
CA LEU A 152 -16.15 -18.90 27.08
C LEU A 152 -15.35 -20.08 27.59
N PHE A 153 -14.85 -20.02 28.78
CA PHE A 153 -14.12 -21.14 29.31
C PHE A 153 -14.97 -22.40 29.44
N ALA A 154 -16.17 -22.24 29.99
CA ALA A 154 -17.14 -23.33 30.18
C ALA A 154 -17.53 -23.94 28.88
N MET A 155 -17.65 -23.14 27.86
CA MET A 155 -17.95 -23.62 26.56
C MET A 155 -16.86 -24.51 26.01
N SER A 156 -15.62 -24.13 26.26
CA SER A 156 -14.49 -24.86 25.79
C SER A 156 -14.36 -26.20 26.44
N GLN A 157 -14.76 -26.29 27.69
CA GLN A 157 -14.83 -27.55 28.38
C GLN A 157 -15.95 -28.45 27.94
N ASP A 158 -17.14 -27.90 27.89
CA ASP A 158 -18.39 -28.63 27.82
C ASP A 158 -18.20 -28.90 26.39
N GLY A 159 -17.65 -30.05 26.14
CA GLY A 159 -17.27 -30.49 24.84
C GLY A 159 -18.34 -30.98 23.89
N LYS A 160 -19.53 -31.31 24.40
CA LYS A 160 -20.72 -31.44 23.53
C LYS A 160 -21.05 -30.13 22.83
N ALA A 161 -20.53 -29.04 23.35
CA ALA A 161 -20.61 -27.73 22.73
C ALA A 161 -19.80 -27.69 21.44
N GLY A 162 -18.78 -28.53 21.36
CA GLY A 162 -17.85 -28.48 20.24
C GLY A 162 -17.05 -27.18 20.02
N PHE A 163 -16.71 -26.52 21.09
CA PHE A 163 -15.94 -25.30 21.07
C PHE A 163 -14.53 -25.64 21.52
N SER A 164 -13.57 -25.43 20.66
CA SER A 164 -12.17 -25.67 20.93
C SER A 164 -11.42 -24.61 21.75
N ARG A 165 -10.25 -24.96 22.28
CA ARG A 165 -9.42 -24.00 23.01
C ARG A 165 -9.01 -22.89 22.07
N GLU A 166 -8.82 -23.25 20.81
CA GLU A 166 -8.55 -22.32 19.77
C GLU A 166 -9.70 -21.34 19.48
N ASP A 167 -10.89 -21.86 19.41
CA ASP A 167 -12.06 -21.03 19.28
C ASP A 167 -12.19 -20.10 20.49
N ARG A 168 -11.91 -20.61 21.68
CA ARG A 168 -12.03 -19.84 22.87
C ARG A 168 -11.16 -18.63 22.88
N LEU A 169 -9.91 -18.79 22.48
CA LEU A 169 -9.04 -17.66 22.43
C LEU A 169 -9.54 -16.64 21.39
N GLU A 170 -9.99 -17.14 20.27
CA GLU A 170 -10.40 -16.28 19.20
C GLU A 170 -11.58 -15.41 19.64
N GLN A 171 -12.52 -16.05 20.28
CA GLN A 171 -13.69 -15.38 20.81
C GLN A 171 -13.36 -14.38 21.93
N ALA A 172 -12.41 -14.77 22.76
CA ALA A 172 -12.01 -13.91 23.82
C ALA A 172 -11.43 -12.62 23.26
N LYS A 173 -10.58 -12.74 22.25
CA LYS A 173 -10.03 -11.57 21.64
C LYS A 173 -11.08 -10.69 20.97
N LEU A 174 -12.02 -11.32 20.32
CA LEU A 174 -13.15 -10.63 19.74
C LEU A 174 -14.10 -9.93 20.74
N PHE A 175 -14.34 -10.59 21.85
CA PHE A 175 -15.14 -10.02 22.90
C PHE A 175 -14.45 -8.75 23.37
N CYS A 176 -13.16 -8.85 23.57
CA CYS A 176 -12.42 -7.72 23.96
C CYS A 176 -12.44 -6.56 22.93
N ARG A 177 -12.19 -6.86 21.68
CA ARG A 177 -12.21 -5.84 20.68
C ARG A 177 -13.59 -5.20 20.53
N THR A 178 -14.62 -6.01 20.56
CA THR A 178 -15.96 -5.52 20.45
C THR A 178 -16.33 -4.61 21.62
N LEU A 179 -15.99 -5.03 22.81
CA LEU A 179 -16.23 -4.23 24.00
C LEU A 179 -15.47 -2.93 23.93
N GLU A 180 -14.24 -2.96 23.46
CA GLU A 180 -13.42 -1.75 23.30
C GLU A 180 -14.15 -0.78 22.34
N GLU A 181 -14.72 -1.27 21.27
CA GLU A 181 -15.44 -0.46 20.33
C GLU A 181 -16.65 0.19 20.91
N ILE A 182 -17.40 -0.57 21.67
CA ILE A 182 -18.55 -0.03 22.32
C ILE A 182 -18.18 1.05 23.30
N LEU A 183 -17.18 0.81 24.13
CA LEU A 183 -16.76 1.73 25.15
C LEU A 183 -16.23 3.02 24.57
N ALA A 184 -15.64 2.91 23.41
CA ALA A 184 -15.04 4.01 22.70
C ALA A 184 -16.06 5.07 22.36
N ASP A 185 -17.31 4.68 22.28
CA ASP A 185 -18.39 5.56 21.96
C ASP A 185 -19.09 6.11 23.19
N VAL A 186 -18.61 5.76 24.36
CA VAL A 186 -19.13 6.36 25.56
C VAL A 186 -18.61 7.77 25.69
N PRO A 187 -19.47 8.67 26.12
CA PRO A 187 -19.10 10.07 26.31
C PRO A 187 -18.05 10.14 27.38
N GLU A 188 -17.20 11.12 27.29
CA GLU A 188 -16.06 11.22 28.13
C GLU A 188 -16.49 11.37 29.58
N SER A 189 -17.69 11.86 29.77
CA SER A 189 -18.25 12.12 31.08
C SER A 189 -18.40 10.83 31.88
N ARG A 190 -18.69 9.73 31.19
CA ARG A 190 -18.80 8.39 31.79
C ARG A 190 -17.72 7.41 31.33
N ASN A 191 -16.65 7.90 30.72
CA ASN A 191 -15.64 7.04 30.14
C ASN A 191 -14.73 6.55 31.25
N HIS A 192 -15.22 5.67 32.08
CA HIS A 192 -14.50 5.27 33.25
C HIS A 192 -14.10 3.80 33.30
N CYS A 193 -14.54 2.96 32.39
CA CYS A 193 -14.11 1.58 32.38
C CYS A 193 -12.75 1.48 31.67
N ARG A 194 -11.85 0.69 32.21
CA ARG A 194 -10.60 0.38 31.59
C ARG A 194 -10.38 -1.12 31.55
N LEU A 195 -10.04 -1.63 30.36
CA LEU A 195 -9.84 -3.03 30.16
C LEU A 195 -8.36 -3.34 30.31
N ILE A 196 -8.10 -4.30 31.16
CA ILE A 196 -6.79 -4.80 31.32
C ILE A 196 -6.66 -6.18 30.66
N VAL A 197 -6.09 -6.17 29.48
CA VAL A 197 -6.00 -7.37 28.68
C VAL A 197 -4.62 -8.01 28.68
N TYR A 198 -4.57 -9.30 28.97
CA TYR A 198 -3.32 -9.98 29.00
C TYR A 198 -3.53 -11.45 28.70
N GLN A 199 -2.51 -12.10 28.20
CA GLN A 199 -2.58 -13.54 28.05
C GLN A 199 -1.44 -14.10 28.82
N GLU A 200 -1.72 -14.66 29.97
CA GLU A 200 -0.69 -15.12 30.88
C GLU A 200 0.15 -16.23 30.30
N SER A 201 -0.45 -17.10 29.50
CA SER A 201 0.25 -18.18 28.88
C SER A 201 1.35 -17.69 27.98
N GLU A 202 1.17 -16.55 27.35
CA GLU A 202 2.17 -15.88 26.54
C GLU A 202 3.01 -14.97 27.38
N GLU A 203 4.18 -14.64 26.92
CA GLU A 203 4.96 -13.64 27.62
C GLU A 203 5.09 -13.94 29.13
N GLY A 204 5.32 -15.20 29.49
CA GLY A 204 5.19 -15.63 30.87
C GLY A 204 6.21 -16.50 31.58
N ASN A 205 6.41 -16.19 32.84
CA ASN A 205 7.61 -16.41 33.52
C ASN A 205 7.68 -15.68 34.76
N SER A 206 7.89 -14.42 34.50
CA SER A 206 7.95 -13.46 35.56
C SER A 206 6.64 -12.64 35.67
N PHE A 207 5.57 -13.11 35.06
CA PHE A 207 4.40 -12.24 34.93
C PHE A 207 3.83 -11.83 36.26
N SER A 208 3.61 -10.53 36.43
CA SER A 208 3.03 -9.97 37.63
C SER A 208 1.70 -9.23 37.36
N LEU A 209 0.63 -9.67 37.98
CA LEU A 209 -0.64 -9.01 37.81
C LEU A 209 -0.61 -7.60 38.36
N SER A 210 0.01 -7.44 39.52
CA SER A 210 0.03 -6.17 40.18
C SER A 210 0.75 -5.17 39.29
N GLN A 211 1.83 -5.61 38.70
CA GLN A 211 2.59 -4.75 37.81
C GLN A 211 1.78 -4.36 36.60
N GLU A 212 1.01 -5.29 36.10
CA GLU A 212 0.15 -5.01 34.94
C GLU A 212 -0.91 -3.96 35.23
N VAL A 213 -1.55 -4.11 36.37
CA VAL A 213 -2.54 -3.15 36.83
C VAL A 213 -1.94 -1.81 37.13
N LEU A 214 -0.77 -1.79 37.74
CA LEU A 214 -0.15 -0.54 38.04
C LEU A 214 0.17 0.24 36.76
N ARG A 215 0.63 -0.45 35.73
CA ARG A 215 0.97 0.20 34.48
C ARG A 215 -0.25 0.89 33.94
N HIS A 216 -1.38 0.21 33.99
CA HIS A 216 -2.61 0.82 33.58
C HIS A 216 -3.04 2.01 34.43
N ILE A 217 -2.92 1.89 35.73
CA ILE A 217 -3.23 3.00 36.59
C ILE A 217 -2.30 4.18 36.29
N ARG A 218 -1.03 3.89 36.21
CA ARG A 218 -0.09 4.91 35.99
C ARG A 218 -0.32 5.68 34.68
N GLN A 219 -0.79 5.02 33.65
CA GLN A 219 -1.03 5.67 32.37
C GLN A 219 -2.40 6.26 32.21
N SER B 21 22.41 -1.91 46.49
CA SER B 21 21.42 -1.01 45.91
C SER B 21 21.94 0.43 45.93
N HIS B 22 23.03 0.63 46.64
CA HIS B 22 23.63 1.94 46.76
C HIS B 22 24.47 2.38 45.60
N MET B 23 24.45 3.66 45.32
CA MET B 23 25.37 4.20 44.38
C MET B 23 26.82 4.14 44.96
N ALA B 24 27.77 4.07 44.10
CA ALA B 24 29.13 4.21 44.49
C ALA B 24 29.38 5.64 44.91
N PRO B 25 30.35 5.84 45.77
CA PRO B 25 30.72 7.20 46.18
C PRO B 25 31.30 7.98 44.99
N ALA B 26 31.32 9.28 45.12
CA ALA B 26 31.76 10.12 44.04
C ALA B 26 32.39 11.40 44.51
N GLU B 27 33.42 11.85 43.81
CA GLU B 27 34.00 13.11 44.12
C GLU B 27 33.53 14.06 43.04
N VAL B 28 32.83 15.08 43.45
CA VAL B 28 32.12 15.90 42.51
C VAL B 28 32.99 16.70 41.56
N SER B 29 34.23 16.93 41.93
CA SER B 29 35.09 17.77 41.13
C SER B 29 35.88 17.02 40.04
N ALA B 30 35.79 15.71 40.02
CA ALA B 30 36.41 14.92 38.97
C ALA B 30 35.60 15.05 37.69
N VAL B 31 36.26 14.91 36.56
CA VAL B 31 35.68 15.02 35.26
C VAL B 31 35.27 13.64 34.69
N CYS B 32 34.00 13.56 34.33
CA CYS B 32 33.47 12.33 33.82
C CYS B 32 32.23 12.50 32.93
N GLU B 33 31.91 11.48 32.17
CA GLU B 33 30.67 11.38 31.45
C GLU B 33 29.90 10.12 31.87
N GLU B 34 28.58 10.20 31.86
CA GLU B 34 27.78 9.01 32.13
C GLU B 34 28.09 8.03 31.00
N LYS B 35 28.21 6.77 31.31
CA LYS B 35 28.33 5.79 30.29
C LYS B 35 26.90 5.41 29.81
N ASN B 36 26.69 5.49 28.52
CA ASN B 36 25.43 5.15 27.90
C ASN B 36 25.63 4.97 26.39
N PHE B 37 24.56 4.65 25.70
CA PHE B 37 24.65 4.42 24.27
C PHE B 37 24.10 5.58 23.43
N ASN B 38 24.15 6.77 23.98
CA ASN B 38 23.46 7.84 23.31
C ASN B 38 24.23 8.46 22.15
N VAL B 39 24.41 7.72 21.08
CA VAL B 39 25.06 8.18 19.89
C VAL B 39 24.22 9.05 18.94
N ALA B 40 22.92 9.05 19.15
CA ALA B 40 21.96 9.57 18.19
C ALA B 40 22.23 11.04 17.92
N HIS B 41 22.65 11.74 18.93
CA HIS B 41 22.93 13.17 18.80
C HIS B 41 24.08 13.52 17.81
N GLY B 42 25.17 12.81 17.87
CA GLY B 42 26.21 12.96 16.88
C GLY B 42 25.76 12.56 15.49
N LEU B 43 24.94 11.51 15.45
CA LEU B 43 24.42 11.05 14.16
C LEU B 43 23.57 12.15 13.54
N ALA B 44 22.76 12.78 14.35
CA ALA B 44 21.91 13.86 13.87
C ALA B 44 22.65 15.09 13.38
N TRP B 45 23.59 15.53 14.18
CA TRP B 45 24.38 16.69 13.83
C TRP B 45 25.23 16.47 12.59
N SER B 46 25.82 15.30 12.45
CA SER B 46 26.62 14.99 11.28
C SER B 46 25.76 15.00 9.99
N TYR B 47 24.60 14.37 10.07
CA TYR B 47 23.66 14.25 8.96
C TYR B 47 23.19 15.65 8.55
N TYR B 48 22.98 16.53 9.51
CA TYR B 48 22.58 17.87 9.18
C TYR B 48 23.71 18.74 8.67
N ILE B 49 24.76 18.89 9.47
CA ILE B 49 25.89 19.72 9.11
C ILE B 49 26.61 19.25 7.82
N GLY B 50 26.78 17.96 7.74
CA GLY B 50 27.52 17.32 6.72
C GLY B 50 26.76 16.89 5.50
N TYR B 51 25.46 17.19 5.44
CA TYR B 51 24.66 16.92 4.54
C TYR B 51 23.47 17.68 4.02
N LEU B 52 22.51 17.67 4.92
CA LEU B 52 21.28 18.42 4.64
C LEU B 52 21.55 19.89 4.47
N LYS B 53 22.38 20.38 5.34
CA LYS B 53 22.71 21.76 5.33
C LYS B 53 23.40 22.17 4.01
N LEU B 54 24.18 21.25 3.48
CA LEU B 54 24.87 21.47 2.25
C LEU B 54 23.97 21.54 1.01
N ILE B 55 23.03 20.61 0.95
CA ILE B 55 22.14 20.55 -0.20
C ILE B 55 20.86 21.45 -0.22
N LEU B 56 20.40 21.84 0.95
CA LEU B 56 19.18 22.63 1.03
C LEU B 56 19.20 23.94 0.25
N PRO B 57 20.30 24.66 0.28
CA PRO B 57 20.34 25.96 -0.39
C PRO B 57 20.10 25.85 -1.91
N GLY B 58 20.50 24.76 -2.50
CA GLY B 58 20.31 24.56 -3.91
C GLY B 58 19.14 23.71 -4.32
N LEU B 59 18.35 23.26 -3.37
CA LEU B 59 17.31 22.34 -3.72
C LEU B 59 16.26 22.87 -4.69
N GLN B 60 15.81 24.08 -4.44
CA GLN B 60 14.79 24.68 -5.27
C GLN B 60 15.30 24.89 -6.71
N ALA B 61 16.56 25.25 -6.83
CA ALA B 61 17.19 25.42 -8.14
C ALA B 61 17.22 24.12 -8.91
N ARG B 62 17.63 23.07 -8.22
CA ARG B 62 17.68 21.78 -8.81
C ARG B 62 16.30 21.33 -9.23
N ILE B 63 15.31 21.69 -8.43
CA ILE B 63 13.94 21.35 -8.73
C ILE B 63 13.48 22.06 -10.00
N ARG B 64 13.88 23.29 -10.13
CA ARG B 64 13.53 24.06 -11.31
C ARG B 64 14.15 23.46 -12.59
N MET B 65 15.38 23.03 -12.46
CA MET B 65 16.04 22.36 -13.54
C MET B 65 15.33 21.06 -13.88
N PHE B 66 14.95 20.31 -12.86
CA PHE B 66 14.28 19.08 -13.10
C PHE B 66 12.96 19.31 -13.83
N ASN B 67 12.20 20.27 -13.38
CA ASN B 67 10.93 20.58 -13.98
C ASN B 67 11.04 21.00 -15.46
N GLN B 68 12.09 21.70 -15.78
CA GLN B 68 12.31 22.22 -17.12
C GLN B 68 12.36 21.04 -18.09
N LEU B 69 12.95 19.96 -17.64
CA LEU B 69 13.14 18.79 -18.47
C LEU B 69 12.16 17.66 -18.23
N HIS B 70 11.26 17.81 -17.29
CA HIS B 70 10.30 16.80 -16.94
C HIS B 70 8.81 17.28 -16.92
N ASN B 71 8.49 18.25 -17.74
CA ASN B 71 7.13 18.69 -17.88
C ASN B 71 6.48 19.07 -16.55
N ASN B 72 7.25 19.78 -15.77
CA ASN B 72 6.77 20.31 -14.51
C ASN B 72 6.22 19.24 -13.59
N MET B 73 6.87 18.12 -13.56
CA MET B 73 6.45 17.01 -12.78
C MET B 73 6.40 17.30 -11.28
N LEU B 74 7.35 18.06 -10.77
CA LEU B 74 7.38 18.49 -9.39
C LEU B 74 6.57 19.77 -9.21
N SER B 75 5.27 19.60 -9.33
CA SER B 75 4.35 20.71 -9.25
C SER B 75 3.67 20.66 -7.89
N GLY B 76 3.46 21.82 -7.32
CA GLY B 76 2.93 21.93 -6.01
C GLY B 76 4.00 21.99 -4.95
N ALA B 77 3.65 22.59 -3.83
CA ALA B 77 4.50 22.73 -2.68
C ALA B 77 4.88 21.37 -2.19
N GLY B 78 3.98 20.43 -2.29
CA GLY B 78 4.24 19.13 -1.82
C GLY B 78 5.42 18.48 -2.48
N SER B 79 5.67 18.85 -3.73
CA SER B 79 6.73 18.31 -4.54
C SER B 79 8.03 19.10 -4.45
N ARG B 80 8.02 20.19 -3.73
CA ARG B 80 9.15 21.06 -3.57
C ARG B 80 9.85 20.84 -2.19
N ARG B 81 9.91 19.61 -1.78
CA ARG B 81 10.46 19.22 -0.48
C ARG B 81 11.42 18.04 -0.66
N LEU B 82 12.29 17.84 0.30
CA LEU B 82 13.10 16.64 0.35
C LEU B 82 12.52 15.73 1.45
N TYR B 83 12.00 14.61 1.04
CA TYR B 83 11.40 13.71 1.97
C TYR B 83 12.38 12.57 2.35
N ILE B 84 12.57 12.40 3.64
CA ILE B 84 13.52 11.48 4.18
C ILE B 84 12.84 10.33 4.91
N LEU B 85 13.02 9.12 4.42
CA LEU B 85 12.47 7.95 5.01
C LEU B 85 13.24 7.51 6.25
N PHE B 86 12.51 7.30 7.33
CA PHE B 86 13.03 7.06 8.64
C PHE B 86 12.39 5.81 9.28
N PRO B 87 12.77 4.65 8.81
CA PRO B 87 12.22 3.45 9.40
C PRO B 87 12.89 3.17 10.73
N LEU B 88 12.08 3.15 11.77
CA LEU B 88 12.58 3.03 13.11
C LEU B 88 13.27 1.71 13.43
N ASP B 89 12.89 0.67 12.71
CA ASP B 89 13.53 -0.63 12.83
C ASP B 89 14.91 -0.60 12.19
N CYS B 90 15.22 0.49 11.52
CA CYS B 90 16.49 0.69 10.86
C CYS B 90 16.76 -0.27 9.71
N GLY B 91 15.70 -0.72 9.11
CA GLY B 91 15.85 -1.57 7.97
C GLY B 91 15.99 -0.73 6.74
N VAL B 92 17.19 -0.57 6.28
CA VAL B 92 17.44 0.19 5.08
C VAL B 92 18.13 -0.70 4.08
N PRO B 93 17.55 -0.84 2.94
CA PRO B 93 18.08 -1.74 1.93
C PRO B 93 19.46 -1.29 1.46
N ASP B 94 20.30 -2.25 1.14
CA ASP B 94 21.70 -2.02 0.88
C ASP B 94 21.98 -1.12 -0.31
N ASP B 95 21.22 -1.31 -1.35
CA ASP B 95 21.33 -0.51 -2.52
C ASP B 95 20.60 0.84 -2.42
N LEU B 96 19.94 1.05 -1.29
CA LEU B 96 19.22 2.29 -1.00
C LEU B 96 18.03 2.55 -1.92
N SER B 97 17.54 1.51 -2.56
CA SER B 97 16.41 1.60 -3.46
C SER B 97 15.11 1.72 -2.72
N VAL B 98 14.33 2.69 -3.11
CA VAL B 98 12.95 2.76 -2.75
C VAL B 98 12.04 1.94 -3.69
N ALA B 99 10.82 1.68 -3.28
CA ALA B 99 9.85 0.89 -4.07
C ALA B 99 9.92 -0.55 -3.68
N ASP B 100 8.83 -1.27 -3.68
CA ASP B 100 7.44 -0.84 -3.80
C ASP B 100 6.77 -0.80 -5.18
N PRO B 101 5.72 -1.55 -5.34
CA PRO B 101 5.01 -1.54 -6.60
C PRO B 101 4.35 -0.18 -6.84
N ASN B 102 4.18 0.62 -5.81
CA ASN B 102 3.52 1.88 -5.92
C ASN B 102 4.48 3.09 -5.89
N ILE B 103 5.77 2.86 -5.89
CA ILE B 103 6.73 3.96 -5.91
C ILE B 103 7.67 3.80 -7.08
N ARG B 104 7.59 4.68 -8.06
CA ARG B 104 8.23 4.48 -9.33
C ARG B 104 9.36 5.48 -9.60
N PHE B 105 10.59 5.01 -9.78
CA PHE B 105 11.68 5.92 -10.09
C PHE B 105 11.43 6.61 -11.43
N ARG B 106 11.53 7.92 -11.45
CA ARG B 106 11.45 8.67 -12.66
C ARG B 106 12.75 9.27 -13.27
N ASP B 107 13.53 9.94 -12.44
CA ASP B 107 14.85 10.41 -12.80
C ASP B 107 15.65 10.95 -11.60
N MET B 108 16.95 11.13 -11.77
CA MET B 108 17.74 11.77 -10.75
C MET B 108 17.50 13.29 -10.74
N LEU B 109 17.68 13.88 -9.60
CA LEU B 109 17.67 15.30 -9.50
C LEU B 109 19.03 15.86 -10.01
N PRO B 110 19.02 16.76 -10.97
CA PRO B 110 20.27 17.16 -11.62
C PRO B 110 21.16 17.96 -10.73
N GLN B 111 22.45 17.91 -10.98
CA GLN B 111 23.42 18.71 -10.26
C GLN B 111 23.41 20.20 -10.71
N GLN B 112 23.89 21.11 -9.86
CA GLN B 112 24.11 22.51 -10.18
C GLN B 112 25.59 22.77 -10.46
N ASN B 113 25.89 23.78 -11.25
CA ASN B 113 27.23 24.27 -11.34
C ASN B 113 27.28 25.31 -10.25
N THR B 114 27.94 25.00 -9.14
CA THR B 114 27.90 25.81 -7.91
C THR B 114 29.25 26.00 -7.24
N ASP B 115 29.40 27.14 -6.63
CA ASP B 115 30.57 27.41 -5.83
C ASP B 115 30.33 27.23 -4.32
N ARG B 116 29.13 26.83 -3.97
CA ARG B 116 28.74 26.70 -2.61
C ARG B 116 29.46 25.58 -1.89
N ALA B 117 29.66 25.75 -0.61
CA ALA B 117 30.46 24.80 0.16
C ALA B 117 29.94 23.37 0.16
N GLY B 118 30.86 22.45 0.00
CA GLY B 118 30.60 21.06 -0.13
C GLY B 118 30.10 20.62 -1.49
N VAL B 119 28.98 21.17 -1.91
CA VAL B 119 28.44 20.84 -3.21
C VAL B 119 29.31 21.33 -4.37
N LYS B 120 30.20 22.23 -4.09
CA LYS B 120 31.13 22.75 -5.09
C LYS B 120 31.98 21.59 -5.65
N ASN B 121 32.35 20.67 -4.77
CA ASN B 121 33.17 19.52 -5.09
C ASN B 121 32.50 18.15 -5.09
N ARG B 122 31.23 18.14 -4.74
CA ARG B 122 30.48 16.93 -4.55
C ARG B 122 29.11 16.92 -5.27
N ALA B 123 28.84 15.91 -6.05
CA ALA B 123 27.50 15.81 -6.64
C ALA B 123 26.76 14.71 -5.88
N TYR B 124 25.89 15.15 -5.02
CA TYR B 124 25.10 14.24 -4.28
C TYR B 124 24.03 13.58 -5.18
N SER B 125 23.84 12.29 -5.00
CA SER B 125 22.80 11.55 -5.64
C SER B 125 21.46 11.72 -4.88
N ASN B 126 20.49 12.30 -5.59
CA ASN B 126 19.11 12.43 -5.16
C ASN B 126 18.17 11.97 -6.31
N SER B 127 17.09 11.35 -5.96
CA SER B 127 16.20 10.78 -6.95
C SER B 127 14.74 11.23 -6.79
N VAL B 128 14.06 11.37 -7.93
CA VAL B 128 12.68 11.75 -7.94
C VAL B 128 11.84 10.53 -8.31
N TYR B 129 10.77 10.32 -7.56
CA TYR B 129 9.88 9.19 -7.73
C TYR B 129 8.41 9.64 -7.90
N GLU B 130 7.66 8.86 -8.64
CA GLU B 130 6.24 9.09 -8.75
C GLU B 130 5.52 8.12 -7.85
N LEU B 131 4.52 8.58 -7.14
CA LEU B 131 3.77 7.71 -6.28
C LEU B 131 2.50 7.31 -7.01
N LEU B 132 2.15 6.04 -6.97
CA LEU B 132 1.06 5.53 -7.77
C LEU B 132 -0.04 5.06 -6.88
N GLU B 133 -1.27 5.17 -7.32
CA GLU B 133 -2.40 4.47 -6.74
C GLU B 133 -2.99 3.65 -7.85
N ASN B 134 -2.94 2.34 -7.75
CA ASN B 134 -3.46 1.52 -8.81
C ASN B 134 -2.87 1.87 -10.18
N GLY B 135 -1.56 2.08 -10.22
CA GLY B 135 -0.87 2.27 -11.45
C GLY B 135 -0.97 3.68 -11.97
N GLN B 136 -1.70 4.55 -11.30
CA GLN B 136 -1.81 5.92 -11.74
C GLN B 136 -1.13 6.92 -10.81
N PRO B 137 -0.43 7.89 -11.36
CA PRO B 137 0.30 8.83 -10.54
C PRO B 137 -0.64 9.63 -9.63
N ALA B 138 -0.32 9.69 -8.37
CA ALA B 138 -0.99 10.52 -7.43
C ALA B 138 -0.13 11.61 -6.80
N GLY B 139 1.17 11.50 -6.94
CA GLY B 139 2.13 12.52 -6.53
C GLY B 139 3.52 12.23 -7.01
N ALA B 140 4.44 13.18 -6.87
CA ALA B 140 5.86 12.95 -7.13
C ALA B 140 6.68 13.70 -6.09
N CYS B 141 7.80 13.12 -5.69
CA CYS B 141 8.70 13.80 -4.79
C CYS B 141 10.15 13.35 -4.83
N ILE B 142 11.02 14.11 -4.21
CA ILE B 142 12.37 13.67 -4.01
C ILE B 142 12.34 12.86 -2.70
N LEU B 143 12.85 11.65 -2.78
CA LEU B 143 12.71 10.74 -1.67
C LEU B 143 13.96 9.93 -1.47
N GLU B 144 14.36 9.77 -0.23
CA GLU B 144 15.53 8.97 0.08
C GLU B 144 15.52 8.49 1.52
N TYR B 145 16.27 7.44 1.80
CA TYR B 145 16.42 6.93 3.15
C TYR B 145 17.37 7.73 3.98
N ALA B 146 17.18 7.70 5.27
CA ALA B 146 18.10 8.39 6.16
C ALA B 146 19.26 7.45 6.37
N THR B 147 20.34 7.70 5.67
CA THR B 147 21.44 6.76 5.60
C THR B 147 22.11 6.42 6.94
N PRO B 148 22.13 7.33 7.91
CA PRO B 148 22.81 7.05 9.19
C PRO B 148 22.11 6.00 10.07
N LEU B 149 20.92 5.61 9.67
CA LEU B 149 20.21 4.54 10.30
C LEU B 149 21.05 3.25 10.12
N GLN B 150 21.83 3.22 9.06
CA GLN B 150 22.70 2.11 8.76
C GLN B 150 23.69 1.90 9.86
N THR B 151 24.11 2.97 10.50
CA THR B 151 25.00 2.90 11.63
C THR B 151 24.38 2.21 12.79
N LEU B 152 23.15 2.55 13.09
CA LEU B 152 22.44 1.93 14.17
C LEU B 152 22.19 0.45 13.93
N PHE B 153 21.79 0.09 12.73
CA PHE B 153 21.56 -1.29 12.42
C PHE B 153 22.88 -2.06 12.59
N ALA B 154 23.96 -1.55 12.05
CA ALA B 154 25.27 -2.16 12.20
C ALA B 154 25.75 -2.28 13.62
N MET B 155 25.55 -1.30 14.44
CA MET B 155 25.89 -1.39 15.82
C MET B 155 25.13 -2.52 16.51
N SER B 156 23.88 -2.71 16.14
CA SER B 156 23.07 -3.80 16.66
C SER B 156 23.52 -5.18 16.27
N GLN B 157 23.96 -5.37 15.06
CA GLN B 157 24.54 -6.64 14.66
C GLN B 157 25.90 -6.95 15.26
N ASP B 158 26.80 -5.98 15.25
CA ASP B 158 28.25 -6.13 15.34
C ASP B 158 28.41 -6.30 16.80
N GLY B 159 27.84 -7.34 17.33
CA GLY B 159 27.53 -7.40 18.73
C GLY B 159 27.47 -5.98 19.25
N LYS B 160 28.67 -5.38 19.33
CA LYS B 160 28.99 -4.02 19.82
C LYS B 160 28.79 -3.88 21.32
N ALA B 161 28.20 -4.92 21.88
CA ALA B 161 28.44 -5.58 23.21
C ALA B 161 27.79 -4.82 24.28
N GLY B 162 27.15 -3.72 23.99
CA GLY B 162 26.11 -3.27 24.87
C GLY B 162 24.82 -3.27 24.06
N PHE B 163 25.00 -3.06 22.77
CA PHE B 163 24.01 -2.44 21.94
C PHE B 163 22.97 -3.41 21.43
N SER B 164 21.86 -3.47 22.13
CA SER B 164 20.76 -4.32 21.77
C SER B 164 19.82 -3.79 20.68
N ARG B 165 18.90 -4.63 20.25
CA ARG B 165 17.87 -4.26 19.33
C ARG B 165 17.05 -3.21 20.02
N GLU B 166 16.90 -3.35 21.32
CA GLU B 166 16.22 -2.34 22.07
C GLU B 166 16.93 -0.99 22.16
N ASP B 167 18.24 -1.02 22.28
CA ASP B 167 19.03 0.18 22.17
C ASP B 167 18.89 0.81 20.82
N ARG B 168 18.88 0.00 19.77
CA ARG B 168 18.78 0.49 18.44
C ARG B 168 17.51 1.29 18.25
N LEU B 169 16.41 0.73 18.72
CA LEU B 169 15.15 1.41 18.60
C LEU B 169 15.18 2.72 19.38
N GLU B 170 15.74 2.71 20.58
CA GLU B 170 15.79 3.88 21.38
C GLU B 170 16.61 4.98 20.71
N GLN B 171 17.76 4.63 20.19
CA GLN B 171 18.58 5.57 19.45
C GLN B 171 17.93 6.09 18.15
N ALA B 172 17.26 5.22 17.46
CA ALA B 172 16.58 5.62 16.24
C ALA B 172 15.53 6.68 16.54
N LYS B 173 14.76 6.47 17.58
CA LYS B 173 13.79 7.46 17.99
C LYS B 173 14.44 8.78 18.40
N LEU B 174 15.54 8.71 19.13
CA LEU B 174 16.26 9.87 19.51
C LEU B 174 16.87 10.63 18.34
N PHE B 175 17.35 9.89 17.38
CA PHE B 175 17.91 10.50 16.20
C PHE B 175 16.80 11.30 15.50
N CYS B 176 15.62 10.70 15.36
CA CYS B 176 14.54 11.41 14.71
C CYS B 176 14.16 12.68 15.49
N ARG B 177 14.02 12.55 16.79
CA ARG B 177 13.61 13.67 17.61
C ARG B 177 14.61 14.83 17.57
N THR B 178 15.89 14.53 17.66
CA THR B 178 16.94 15.51 17.61
C THR B 178 17.01 16.18 16.26
N LEU B 179 16.89 15.38 15.21
CA LEU B 179 16.90 15.94 13.86
C LEU B 179 15.68 16.83 13.65
N GLU B 180 14.54 16.43 14.19
CA GLU B 180 13.35 17.27 14.10
C GLU B 180 13.59 18.60 14.80
N GLU B 181 14.21 18.57 15.95
CA GLU B 181 14.57 19.78 16.64
C GLU B 181 15.55 20.69 15.89
N ILE B 182 16.51 20.08 15.26
CA ILE B 182 17.40 20.85 14.45
C ILE B 182 16.69 21.49 13.26
N LEU B 183 15.90 20.73 12.57
CA LEU B 183 15.19 21.20 11.44
C LEU B 183 14.19 22.30 11.79
N ALA B 184 13.65 22.21 12.98
CA ALA B 184 12.67 23.17 13.44
C ALA B 184 13.27 24.58 13.51
N ASP B 185 14.57 24.67 13.68
CA ASP B 185 15.26 25.92 13.84
C ASP B 185 15.76 26.49 12.50
N VAL B 186 15.49 25.77 11.44
CA VAL B 186 15.89 26.18 10.12
C VAL B 186 14.92 27.24 9.65
N PRO B 187 15.46 28.29 9.07
CA PRO B 187 14.66 29.39 8.58
C PRO B 187 13.63 28.95 7.55
N GLU B 188 12.46 29.56 7.54
CA GLU B 188 11.38 29.07 6.70
C GLU B 188 11.75 29.10 5.18
N SER B 189 12.63 29.99 4.80
CA SER B 189 13.11 30.09 3.44
C SER B 189 13.81 28.80 2.99
N ARG B 190 14.36 28.06 3.93
CA ARG B 190 14.94 26.76 3.66
C ARG B 190 14.29 25.60 4.39
N ASN B 191 13.09 25.77 4.90
CA ASN B 191 12.46 24.71 5.63
C ASN B 191 11.81 23.72 4.69
N HIS B 192 12.61 22.90 4.04
CA HIS B 192 12.12 21.98 3.04
C HIS B 192 12.37 20.52 3.26
N CYS B 193 13.06 20.17 4.33
CA CYS B 193 13.32 18.79 4.61
C CYS B 193 12.16 18.25 5.45
N ARG B 194 11.64 17.10 5.10
CA ARG B 194 10.57 16.49 5.88
C ARG B 194 10.87 15.07 6.20
N LEU B 195 10.82 14.71 7.47
CA LEU B 195 11.02 13.37 7.91
C LEU B 195 9.72 12.58 7.81
N ILE B 196 9.82 11.40 7.27
CA ILE B 196 8.77 10.44 7.24
C ILE B 196 9.16 9.26 8.15
N VAL B 197 8.57 9.24 9.33
CA VAL B 197 8.91 8.29 10.36
C VAL B 197 7.84 7.24 10.57
N TYR B 198 8.25 6.00 10.63
CA TYR B 198 7.37 4.88 10.80
C TYR B 198 8.12 3.70 11.41
N GLN B 199 7.39 2.83 12.05
CA GLN B 199 8.00 1.61 12.51
C GLN B 199 7.19 0.48 11.94
N GLU B 200 7.72 -0.18 10.93
CA GLU B 200 6.96 -1.18 10.19
C GLU B 200 6.53 -2.34 11.06
N SER B 201 7.33 -2.68 12.04
CA SER B 201 6.94 -3.74 12.93
C SER B 201 5.66 -3.42 13.70
N GLU B 202 5.42 -2.19 14.10
CA GLU B 202 4.22 -1.84 14.86
C GLU B 202 3.07 -1.47 13.96
N GLU B 203 3.38 -1.38 12.70
CA GLU B 203 2.40 -1.23 11.70
C GLU B 203 2.96 -2.41 10.93
N GLY B 204 2.12 -3.38 10.59
CA GLY B 204 0.70 -3.43 10.81
C GLY B 204 0.39 -4.27 9.58
N ASN B 205 -0.84 -4.71 9.38
CA ASN B 205 -1.23 -5.43 8.17
C ASN B 205 -1.62 -4.47 7.01
N SER B 206 -2.03 -3.28 7.38
CA SER B 206 -2.41 -2.31 6.42
C SER B 206 -1.33 -1.26 6.22
N PHE B 207 -0.07 -1.57 6.53
CA PHE B 207 0.98 -0.59 6.24
C PHE B 207 1.32 -0.46 4.76
N SER B 208 1.30 0.74 4.26
CA SER B 208 1.71 1.00 2.90
C SER B 208 2.69 2.17 2.83
N LEU B 209 3.88 1.94 2.30
CA LEU B 209 4.89 2.99 2.21
C LEU B 209 4.46 4.12 1.31
N SER B 210 3.91 3.80 0.16
CA SER B 210 3.45 4.80 -0.81
C SER B 210 2.37 5.72 -0.22
N GLN B 211 1.45 5.14 0.50
CA GLN B 211 0.47 5.88 1.25
C GLN B 211 1.07 6.75 2.35
N GLU B 212 2.09 6.26 3.01
CA GLU B 212 2.73 7.05 4.03
C GLU B 212 3.31 8.32 3.41
N VAL B 213 3.99 8.15 2.29
CA VAL B 213 4.56 9.26 1.56
C VAL B 213 3.49 10.23 1.01
N LEU B 214 2.43 9.68 0.41
CA LEU B 214 1.34 10.52 -0.09
C LEU B 214 0.71 11.34 1.01
N ARG B 215 0.60 10.74 2.18
CA ARG B 215 0.04 11.42 3.29
C ARG B 215 0.88 12.62 3.64
N HIS B 216 2.18 12.42 3.65
CA HIS B 216 3.07 13.52 3.90
C HIS B 216 3.03 14.61 2.82
N ILE B 217 2.98 14.22 1.58
CA ILE B 217 2.93 15.19 0.50
C ILE B 217 1.68 16.05 0.63
N ARG B 218 0.57 15.41 0.90
CA ARG B 218 -0.70 16.08 1.04
C ARG B 218 -0.73 17.06 2.19
N GLN B 219 -0.12 16.64 3.29
CA GLN B 219 0.06 17.47 4.44
C GLN B 219 0.86 18.72 4.12
N GLU B 220 1.91 18.57 3.32
CA GLU B 220 2.73 19.68 2.89
C GLU B 220 2.00 20.69 2.04
N GLU B 221 1.17 20.18 1.17
CA GLU B 221 0.37 21.00 0.29
C GLU B 221 -0.54 21.84 1.14
N ALA B 222 -1.17 21.24 2.12
CA ALA B 222 -2.05 21.95 3.01
C ALA B 222 -1.41 23.01 3.87
N ALA B 223 -0.29 22.67 4.45
CA ALA B 223 0.43 23.57 5.31
C ALA B 223 0.91 24.75 4.49
N ALA B 224 1.20 24.53 3.24
CA ALA B 224 1.69 25.60 2.41
C ALA B 224 0.63 26.53 1.94
N ALA B 225 -0.63 26.09 1.94
CA ALA B 225 -1.68 26.97 1.50
C ALA B 225 -2.12 27.93 2.57
N HIS C 10 -40.88 -44.38 -13.30
CA HIS C 10 -40.69 -43.83 -14.64
C HIS C 10 -40.82 -42.31 -14.78
N SER C 11 -39.66 -41.73 -14.95
CA SER C 11 -39.42 -40.39 -15.36
C SER C 11 -39.78 -40.32 -16.82
N SER C 12 -39.74 -39.11 -17.38
CA SER C 12 -40.05 -38.89 -18.80
C SER C 12 -39.18 -39.48 -19.95
N GLY C 13 -37.85 -39.46 -20.03
CA GLY C 13 -36.89 -38.53 -19.58
C GLY C 13 -36.71 -37.38 -20.55
N GLU C 14 -37.58 -36.43 -20.37
CA GLU C 14 -37.46 -35.11 -20.93
C GLU C 14 -36.22 -34.47 -20.35
N ASN C 15 -35.59 -33.56 -21.09
CA ASN C 15 -34.43 -32.93 -20.60
C ASN C 15 -34.97 -31.82 -19.72
N LEU C 16 -34.86 -32.03 -18.43
CA LEU C 16 -35.47 -31.17 -17.43
C LEU C 16 -34.92 -29.77 -17.46
N TYR C 17 -33.71 -29.66 -18.00
CA TYR C 17 -32.99 -28.42 -18.28
C TYR C 17 -33.51 -27.56 -19.40
N PHE C 18 -34.00 -28.19 -20.44
CA PHE C 18 -34.31 -27.48 -21.64
C PHE C 18 -35.86 -27.52 -21.77
N GLN C 19 -36.57 -27.50 -20.63
CA GLN C 19 -38.02 -27.70 -20.57
C GLN C 19 -38.65 -26.61 -21.40
N GLY C 20 -39.87 -26.86 -21.84
CA GLY C 20 -40.55 -25.91 -22.71
C GLY C 20 -41.21 -24.80 -21.90
N SER C 21 -41.68 -23.76 -22.57
CA SER C 21 -42.50 -22.74 -21.93
C SER C 21 -44.00 -22.75 -22.25
N HIS C 22 -44.48 -23.76 -22.96
CA HIS C 22 -45.89 -23.98 -23.15
C HIS C 22 -46.59 -22.83 -23.80
N MET C 23 -45.87 -22.05 -24.57
CA MET C 23 -46.42 -20.96 -25.32
C MET C 23 -45.98 -21.05 -26.76
N ALA C 24 -46.75 -20.46 -27.66
CA ALA C 24 -46.44 -20.51 -29.07
C ALA C 24 -45.11 -19.81 -29.39
N PRO C 25 -44.34 -20.32 -30.35
CA PRO C 25 -43.05 -19.68 -30.63
C PRO C 25 -43.27 -18.40 -31.40
N ALA C 26 -42.29 -17.52 -31.35
CA ALA C 26 -42.33 -16.25 -32.07
C ALA C 26 -42.36 -16.40 -33.57
N GLU C 27 -41.69 -17.42 -34.06
CA GLU C 27 -41.62 -17.76 -35.45
C GLU C 27 -41.95 -19.22 -35.73
N VAL C 28 -42.58 -19.45 -36.86
CA VAL C 28 -43.11 -20.74 -37.27
C VAL C 28 -42.28 -21.51 -38.32
N SER C 29 -41.00 -21.30 -38.27
CA SER C 29 -40.08 -22.02 -39.08
C SER C 29 -38.78 -22.10 -38.34
N ALA C 30 -37.89 -22.91 -38.84
CA ALA C 30 -36.57 -22.96 -38.31
C ALA C 30 -35.96 -21.59 -38.52
N VAL C 31 -35.33 -21.08 -37.51
CA VAL C 31 -34.71 -19.78 -37.67
C VAL C 31 -33.21 -19.68 -37.51
N CYS C 32 -32.58 -20.74 -37.02
CA CYS C 32 -31.19 -20.78 -36.67
C CYS C 32 -30.86 -22.12 -36.18
N GLU C 33 -29.64 -22.33 -35.75
CA GLU C 33 -29.31 -23.49 -34.96
C GLU C 33 -29.68 -23.13 -33.51
N GLU C 34 -30.93 -23.33 -33.19
CA GLU C 34 -31.52 -22.77 -32.01
C GLU C 34 -30.96 -23.35 -30.71
N LYS C 35 -30.66 -22.43 -29.81
CA LYS C 35 -30.15 -22.70 -28.49
C LYS C 35 -31.22 -22.31 -27.45
N ASN C 36 -31.26 -22.96 -26.31
CA ASN C 36 -32.11 -22.56 -25.21
C ASN C 36 -31.23 -22.20 -24.03
N PHE C 37 -31.29 -20.93 -23.67
CA PHE C 37 -30.50 -20.34 -22.62
C PHE C 37 -31.32 -19.88 -21.45
N ASN C 38 -32.51 -20.46 -21.30
CA ASN C 38 -33.44 -20.02 -20.30
C ASN C 38 -32.83 -20.11 -18.88
N VAL C 39 -32.05 -21.13 -18.62
CA VAL C 39 -31.41 -21.24 -17.34
C VAL C 39 -30.44 -20.07 -17.11
N ALA C 40 -29.60 -19.78 -18.09
CA ALA C 40 -28.64 -18.71 -17.95
C ALA C 40 -29.35 -17.38 -17.73
N HIS C 41 -30.41 -17.14 -18.48
CA HIS C 41 -31.12 -15.88 -18.32
C HIS C 41 -31.74 -15.76 -16.91
N GLY C 42 -32.33 -16.84 -16.44
CA GLY C 42 -32.90 -16.82 -15.11
C GLY C 42 -31.89 -16.64 -13.97
N LEU C 43 -30.74 -17.25 -14.12
CA LEU C 43 -29.68 -17.11 -13.16
C LEU C 43 -29.21 -15.64 -13.10
N ALA C 44 -29.11 -15.03 -14.25
CA ALA C 44 -28.68 -13.67 -14.30
C ALA C 44 -29.67 -12.73 -13.63
N TRP C 45 -30.94 -12.84 -13.97
CA TRP C 45 -31.92 -12.02 -13.30
C TRP C 45 -31.99 -12.30 -11.77
N SER C 46 -31.90 -13.56 -11.40
CA SER C 46 -32.02 -13.92 -10.02
C SER C 46 -30.86 -13.27 -9.23
N TYR C 47 -29.67 -13.37 -9.77
CA TYR C 47 -28.50 -12.83 -9.12
C TYR C 47 -28.54 -11.30 -9.02
N TYR C 48 -28.99 -10.66 -10.08
CA TYR C 48 -29.09 -9.24 -10.06
C TYR C 48 -30.15 -8.74 -9.10
N ILE C 49 -31.36 -9.22 -9.25
CA ILE C 49 -32.42 -8.81 -8.37
C ILE C 49 -32.22 -9.22 -6.93
N GLY C 50 -31.91 -10.49 -6.75
CA GLY C 50 -31.75 -11.14 -5.49
C GLY C 50 -30.56 -10.79 -4.64
N TYR C 51 -29.50 -10.38 -5.30
CA TYR C 51 -28.24 -10.02 -4.64
C TYR C 51 -27.75 -8.62 -4.97
N LEU C 52 -27.39 -8.36 -6.22
CA LEU C 52 -26.74 -7.11 -6.55
C LEU C 52 -27.56 -5.87 -6.24
N LYS C 53 -28.84 -5.92 -6.49
CA LYS C 53 -29.71 -4.83 -6.14
C LYS C 53 -29.73 -4.57 -4.62
N LEU C 54 -29.59 -5.64 -3.86
CA LEU C 54 -29.48 -5.56 -2.44
C LEU C 54 -28.16 -5.07 -1.85
N ILE C 55 -27.07 -5.55 -2.36
CA ILE C 55 -25.73 -5.13 -2.01
C ILE C 55 -25.22 -3.81 -2.47
N LEU C 56 -25.56 -3.37 -3.68
CA LEU C 56 -24.92 -2.18 -4.23
C LEU C 56 -25.23 -0.83 -3.54
N PRO C 57 -26.49 -0.61 -3.18
CA PRO C 57 -26.85 0.68 -2.60
C PRO C 57 -26.07 0.88 -1.29
N GLY C 58 -25.40 1.99 -1.13
CA GLY C 58 -24.67 2.26 0.07
C GLY C 58 -23.31 1.60 0.18
N LEU C 59 -22.90 0.90 -0.84
CA LEU C 59 -21.61 0.25 -0.81
C LEU C 59 -20.45 1.26 -0.58
N GLN C 60 -20.54 2.45 -1.16
CA GLN C 60 -19.47 3.40 -1.04
C GLN C 60 -19.26 3.80 0.43
N ALA C 61 -20.33 3.89 1.17
CA ALA C 61 -20.27 4.19 2.58
C ALA C 61 -19.51 3.12 3.38
N ARG C 62 -19.77 1.86 3.07
CA ARG C 62 -19.05 0.79 3.68
C ARG C 62 -17.56 0.83 3.36
N ILE C 63 -17.25 1.19 2.13
CA ILE C 63 -15.89 1.40 1.69
C ILE C 63 -15.18 2.57 2.43
N ARG C 64 -15.88 3.66 2.62
CA ARG C 64 -15.30 4.79 3.36
C ARG C 64 -14.99 4.37 4.78
N MET C 65 -15.89 3.62 5.37
CA MET C 65 -15.70 3.15 6.69
C MET C 65 -14.50 2.21 6.81
N PHE C 66 -14.34 1.34 5.85
CA PHE C 66 -13.22 0.46 5.85
C PHE C 66 -11.92 1.26 5.80
N ASN C 67 -11.85 2.28 4.96
CA ASN C 67 -10.67 3.08 4.84
C ASN C 67 -10.34 3.78 6.15
N GLN C 68 -11.35 4.19 6.88
CA GLN C 68 -11.14 4.79 8.18
C GLN C 68 -10.48 3.80 9.11
N LEU C 69 -10.97 2.57 9.10
CA LEU C 69 -10.52 1.48 9.96
C LEU C 69 -9.20 0.82 9.65
N HIS C 70 -8.78 0.94 8.41
CA HIS C 70 -7.72 0.17 7.91
C HIS C 70 -6.58 0.92 7.21
N ASN C 71 -6.42 2.20 7.54
CA ASN C 71 -5.38 3.02 6.93
C ASN C 71 -5.47 3.21 5.42
N ASN C 72 -6.68 3.54 4.96
CA ASN C 72 -6.93 3.87 3.56
C ASN C 72 -6.54 2.78 2.60
N MET C 73 -6.70 1.53 3.02
CA MET C 73 -6.25 0.43 2.24
C MET C 73 -6.92 0.40 0.86
N LEU C 74 -8.15 0.88 0.78
CA LEU C 74 -8.90 0.91 -0.47
C LEU C 74 -8.84 2.19 -1.27
N SER C 75 -7.75 2.90 -1.08
CA SER C 75 -7.51 4.16 -1.76
C SER C 75 -7.61 4.05 -3.25
N GLY C 76 -8.14 5.07 -3.88
CA GLY C 76 -8.23 5.13 -5.29
C GLY C 76 -9.53 4.60 -5.83
N ALA C 77 -9.94 5.16 -6.95
CA ALA C 77 -11.15 4.75 -7.60
C ALA C 77 -11.14 3.27 -7.95
N GLY C 78 -9.99 2.76 -8.29
CA GLY C 78 -9.88 1.38 -8.66
C GLY C 78 -10.24 0.45 -7.51
N SER C 79 -10.13 0.93 -6.27
CA SER C 79 -10.43 0.11 -5.11
C SER C 79 -11.84 0.21 -4.55
N ARG C 80 -12.61 1.11 -5.10
CA ARG C 80 -13.94 1.42 -4.64
C ARG C 80 -15.05 0.63 -5.35
N ARG C 81 -14.72 -0.54 -5.85
CA ARG C 81 -15.63 -1.27 -6.69
C ARG C 81 -15.79 -2.65 -6.10
N LEU C 82 -16.94 -3.26 -6.33
CA LEU C 82 -17.11 -4.63 -5.97
C LEU C 82 -16.73 -5.49 -7.16
N TYR C 83 -15.62 -6.20 -7.03
CA TYR C 83 -15.10 -7.01 -8.09
C TYR C 83 -15.62 -8.45 -8.00
N ILE C 84 -16.33 -8.86 -9.03
CA ILE C 84 -16.87 -10.18 -9.10
C ILE C 84 -16.26 -11.08 -10.17
N LEU C 85 -15.76 -12.21 -9.72
CA LEU C 85 -15.09 -13.19 -10.52
C LEU C 85 -16.05 -14.17 -11.24
N PHE C 86 -15.84 -14.35 -12.52
CA PHE C 86 -16.66 -15.18 -13.37
C PHE C 86 -15.79 -16.18 -14.12
N PRO C 87 -15.37 -17.23 -13.44
CA PRO C 87 -14.59 -18.28 -14.09
C PRO C 87 -15.48 -19.08 -14.98
N LEU C 88 -15.20 -19.02 -16.25
CA LEU C 88 -16.04 -19.63 -17.25
C LEU C 88 -16.09 -21.16 -17.18
N ASP C 89 -15.09 -21.74 -16.58
CA ASP C 89 -15.05 -23.14 -16.29
C ASP C 89 -16.05 -23.54 -15.19
N CYS C 90 -16.50 -22.54 -14.46
CA CYS C 90 -17.56 -22.69 -13.49
C CYS C 90 -17.20 -23.36 -12.14
N GLY C 91 -15.93 -23.66 -11.93
CA GLY C 91 -15.53 -24.14 -10.64
C GLY C 91 -15.31 -23.00 -9.71
N VAL C 92 -16.11 -22.92 -8.66
CA VAL C 92 -15.94 -21.86 -7.72
C VAL C 92 -15.37 -22.39 -6.40
N PRO C 93 -14.18 -21.95 -6.08
CA PRO C 93 -13.46 -22.35 -4.88
C PRO C 93 -14.00 -21.76 -3.60
N ASP C 94 -13.68 -22.33 -2.45
CA ASP C 94 -14.15 -21.75 -1.22
C ASP C 94 -13.19 -20.82 -0.53
N ASP C 95 -11.94 -20.86 -0.93
CA ASP C 95 -10.98 -19.97 -0.37
C ASP C 95 -10.13 -19.31 -1.47
N LEU C 96 -10.10 -17.99 -1.53
CA LEU C 96 -9.33 -17.29 -2.55
C LEU C 96 -7.80 -17.43 -2.47
N SER C 97 -7.30 -17.50 -1.26
CA SER C 97 -5.90 -17.74 -0.97
C SER C 97 -5.44 -19.11 -1.46
N VAL C 98 -6.31 -20.09 -1.40
CA VAL C 98 -5.97 -21.37 -1.97
C VAL C 98 -5.92 -21.22 -3.45
N ALA C 99 -6.86 -20.44 -3.96
CA ALA C 99 -6.95 -20.25 -5.38
C ALA C 99 -5.78 -19.49 -5.97
N ASP C 100 -5.35 -18.44 -5.31
CA ASP C 100 -4.06 -17.84 -5.58
C ASP C 100 -3.42 -17.36 -4.32
N PRO C 101 -2.24 -17.87 -4.01
CA PRO C 101 -1.54 -17.49 -2.80
C PRO C 101 -1.16 -16.04 -2.77
N ASN C 102 -1.14 -15.36 -3.91
CA ASN C 102 -0.90 -13.96 -3.99
C ASN C 102 -2.12 -13.14 -3.51
N ILE C 103 -3.24 -13.78 -3.26
CA ILE C 103 -4.41 -13.09 -2.81
C ILE C 103 -4.56 -13.29 -1.32
N ARG C 104 -4.43 -12.24 -0.57
CA ARG C 104 -4.35 -12.35 0.85
C ARG C 104 -5.51 -11.67 1.57
N PHE C 105 -6.25 -12.44 2.33
CA PHE C 105 -7.34 -11.92 3.06
C PHE C 105 -6.87 -10.86 4.04
N ARG C 106 -7.55 -9.73 4.09
CA ARG C 106 -7.28 -8.71 5.05
C ARG C 106 -8.34 -8.49 6.13
N ASP C 107 -9.55 -8.11 5.72
CA ASP C 107 -10.69 -8.00 6.60
C ASP C 107 -11.98 -7.87 5.81
N MET C 108 -13.06 -7.96 6.52
CA MET C 108 -14.40 -7.76 6.05
C MET C 108 -14.82 -6.29 5.91
N LEU C 109 -15.70 -6.04 4.97
CA LEU C 109 -16.30 -4.73 4.89
C LEU C 109 -17.25 -4.59 6.03
N PRO C 110 -17.15 -3.48 6.75
CA PRO C 110 -18.08 -3.21 7.83
C PRO C 110 -19.51 -2.83 7.43
N GLN C 111 -20.44 -3.01 8.34
CA GLN C 111 -21.81 -2.63 8.09
C GLN C 111 -22.06 -1.22 8.57
N GLN C 112 -22.77 -0.44 7.79
CA GLN C 112 -23.15 0.89 8.17
C GLN C 112 -24.49 0.90 8.86
N ASN C 113 -24.69 1.83 9.77
CA ASN C 113 -26.03 2.07 10.24
C ASN C 113 -26.67 3.10 9.33
N THR C 114 -27.68 2.68 8.60
CA THR C 114 -28.22 3.45 7.50
C THR C 114 -28.90 4.72 7.91
N ASP C 115 -28.62 5.79 7.19
CA ASP C 115 -29.36 7.02 7.27
C ASP C 115 -30.04 7.33 5.95
N ARG C 116 -29.99 6.38 5.03
CA ARG C 116 -30.59 6.53 3.73
C ARG C 116 -31.85 5.67 3.57
N ALA C 117 -32.86 6.24 2.96
CA ALA C 117 -34.13 5.58 2.78
C ALA C 117 -34.07 4.32 1.90
N GLY C 118 -33.14 4.32 0.99
CA GLY C 118 -32.97 3.21 0.09
C GLY C 118 -31.90 2.20 0.43
N VAL C 119 -31.26 2.32 1.57
CA VAL C 119 -30.26 1.38 1.98
C VAL C 119 -30.73 0.78 3.29
N LYS C 120 -30.98 -0.51 3.28
CA LYS C 120 -31.34 -1.20 4.52
C LYS C 120 -30.13 -1.62 5.37
N ASN C 121 -30.35 -1.99 6.62
CA ASN C 121 -29.28 -2.56 7.39
C ASN C 121 -29.26 -4.07 7.08
N ARG C 122 -28.15 -4.51 6.52
CA ARG C 122 -27.97 -5.83 5.96
C ARG C 122 -26.72 -6.46 6.55
N ALA C 123 -26.53 -7.75 6.31
CA ALA C 123 -25.38 -8.40 6.85
C ALA C 123 -24.51 -9.22 5.88
N TYR C 124 -24.32 -8.78 4.66
CA TYR C 124 -23.50 -9.53 3.74
C TYR C 124 -22.04 -9.50 4.14
N SER C 125 -21.38 -10.65 4.05
CA SER C 125 -19.99 -10.72 4.31
C SER C 125 -19.32 -10.40 3.00
N ASN C 126 -18.67 -9.28 2.90
CA ASN C 126 -17.82 -9.00 1.79
C ASN C 126 -16.41 -8.82 2.32
N SER C 127 -15.47 -9.37 1.62
CA SER C 127 -14.11 -9.47 2.02
C SER C 127 -13.16 -8.69 1.16
N VAL C 128 -12.22 -8.04 1.82
CA VAL C 128 -11.17 -7.25 1.20
C VAL C 128 -9.83 -8.01 1.26
N TYR C 129 -9.17 -8.08 0.12
CA TYR C 129 -7.96 -8.81 -0.03
C TYR C 129 -6.86 -7.89 -0.59
N GLU C 130 -5.62 -8.17 -0.21
CA GLU C 130 -4.43 -7.58 -0.81
C GLU C 130 -3.86 -8.48 -1.88
N LEU C 131 -3.42 -7.90 -2.99
CA LEU C 131 -2.88 -8.64 -4.08
C LEU C 131 -1.37 -8.48 -4.20
N LEU C 132 -0.64 -9.57 -4.27
CA LEU C 132 0.81 -9.51 -4.28
C LEU C 132 1.43 -9.67 -5.65
N GLU C 133 2.44 -8.86 -5.91
CA GLU C 133 3.43 -9.11 -6.92
C GLU C 133 4.80 -9.15 -6.24
N ASN C 134 5.53 -10.23 -6.43
CA ASN C 134 6.85 -10.32 -5.84
C ASN C 134 6.85 -10.10 -4.35
N GLY C 135 5.86 -10.64 -3.68
CA GLY C 135 5.83 -10.65 -2.24
C GLY C 135 5.50 -9.30 -1.74
N GLN C 136 5.23 -8.36 -2.65
CA GLN C 136 4.78 -7.08 -2.17
C GLN C 136 3.39 -6.70 -2.67
N PRO C 137 2.64 -6.07 -1.82
CA PRO C 137 1.29 -5.66 -2.16
C PRO C 137 1.31 -4.64 -3.27
N ALA C 138 0.60 -5.01 -4.32
CA ALA C 138 0.33 -4.19 -5.46
C ALA C 138 -1.03 -3.51 -5.48
N GLY C 139 -1.95 -3.99 -4.67
CA GLY C 139 -3.26 -3.40 -4.57
C GLY C 139 -4.20 -4.10 -3.60
N ALA C 140 -5.38 -3.57 -3.47
CA ALA C 140 -6.38 -4.13 -2.58
C ALA C 140 -7.78 -3.97 -3.18
N CYS C 141 -8.62 -4.95 -2.99
CA CYS C 141 -9.97 -4.83 -3.44
C CYS C 141 -10.95 -5.74 -2.74
N ILE C 142 -12.22 -5.48 -2.96
CA ILE C 142 -13.30 -6.32 -2.51
C ILE C 142 -13.53 -7.34 -3.61
N LEU C 143 -13.38 -8.60 -3.28
CA LEU C 143 -13.39 -9.66 -4.25
C LEU C 143 -14.30 -10.84 -3.84
N GLU C 144 -15.07 -11.36 -4.75
CA GLU C 144 -15.87 -12.56 -4.53
C GLU C 144 -16.21 -13.20 -5.89
N TYR C 145 -16.69 -14.43 -5.88
CA TYR C 145 -17.14 -15.13 -7.04
C TYR C 145 -18.65 -14.90 -7.37
N ALA C 146 -19.00 -15.13 -8.62
CA ALA C 146 -20.37 -15.04 -9.06
C ALA C 146 -21.07 -16.35 -8.74
N THR C 147 -21.95 -16.29 -7.76
CA THR C 147 -22.51 -17.50 -7.15
C THR C 147 -23.20 -18.48 -8.10
N PRO C 148 -23.96 -17.99 -9.07
CA PRO C 148 -24.74 -18.87 -9.95
C PRO C 148 -23.91 -19.78 -10.79
N LEU C 149 -22.65 -19.43 -10.95
CA LEU C 149 -21.77 -20.28 -11.70
C LEU C 149 -21.69 -21.70 -11.10
N GLN C 150 -21.79 -21.77 -9.80
CA GLN C 150 -21.76 -23.04 -9.13
C GLN C 150 -22.99 -23.94 -9.47
N THR C 151 -24.12 -23.29 -9.71
CA THR C 151 -25.31 -23.98 -10.10
C THR C 151 -25.13 -24.62 -11.47
N LEU C 152 -24.51 -23.89 -12.39
CA LEU C 152 -24.22 -24.46 -13.67
C LEU C 152 -23.25 -25.62 -13.53
N PHE C 153 -22.24 -25.46 -12.69
CA PHE C 153 -21.31 -26.54 -12.49
C PHE C 153 -22.03 -27.77 -11.98
N ALA C 154 -22.83 -27.61 -10.95
CA ALA C 154 -23.59 -28.73 -10.40
C ALA C 154 -24.55 -29.35 -11.39
N MET C 155 -25.16 -28.56 -12.22
CA MET C 155 -26.00 -29.08 -13.27
C MET C 155 -25.22 -29.98 -14.26
N SER C 156 -23.99 -29.62 -14.55
CA SER C 156 -23.12 -30.38 -15.45
C SER C 156 -22.67 -31.72 -14.93
N GLN C 157 -22.54 -31.82 -13.62
CA GLN C 157 -22.18 -33.03 -12.91
C GLN C 157 -23.20 -34.13 -12.99
N ASP C 158 -24.45 -33.78 -13.13
CA ASP C 158 -25.49 -34.80 -13.12
C ASP C 158 -25.45 -35.41 -14.48
N GLY C 159 -24.68 -36.48 -14.56
CA GLY C 159 -24.29 -37.11 -15.81
C GLY C 159 -25.52 -37.56 -16.55
N LYS C 160 -26.49 -38.05 -15.79
CA LYS C 160 -27.69 -38.56 -16.39
C LYS C 160 -28.28 -37.38 -17.11
N ALA C 161 -28.28 -36.28 -16.41
CA ALA C 161 -28.92 -35.07 -16.86
C ALA C 161 -28.28 -34.64 -18.15
N GLY C 162 -27.16 -35.23 -18.45
CA GLY C 162 -26.34 -34.66 -19.48
C GLY C 162 -25.88 -33.30 -19.03
N PHE C 163 -26.17 -32.25 -19.79
CA PHE C 163 -25.50 -30.96 -19.62
C PHE C 163 -24.01 -30.99 -19.64
N SER C 164 -23.50 -31.12 -20.84
CA SER C 164 -22.10 -31.22 -21.14
C SER C 164 -21.15 -30.11 -20.76
N ARG C 165 -19.87 -30.41 -20.77
CA ARG C 165 -18.91 -29.38 -20.48
C ARG C 165 -19.02 -28.27 -21.53
N GLU C 166 -19.21 -28.64 -22.79
CA GLU C 166 -19.40 -27.68 -23.84
C GLU C 166 -20.67 -26.88 -23.66
N ASP C 167 -21.74 -27.53 -23.27
CA ASP C 167 -22.99 -26.90 -23.02
C ASP C 167 -22.88 -25.94 -21.83
N ARG C 168 -22.15 -26.38 -20.83
CA ARG C 168 -22.00 -25.62 -19.65
C ARG C 168 -21.33 -24.28 -19.95
N LEU C 169 -20.30 -24.33 -20.78
CA LEU C 169 -19.55 -23.16 -21.16
C LEU C 169 -20.41 -22.11 -21.91
N GLU C 170 -21.27 -22.59 -22.80
CA GLU C 170 -22.20 -21.75 -23.52
C GLU C 170 -23.17 -21.05 -22.61
N GLN C 171 -23.74 -21.78 -21.65
CA GLN C 171 -24.60 -21.16 -20.67
C GLN C 171 -23.84 -20.14 -19.83
N ALA C 172 -22.61 -20.47 -19.46
CA ALA C 172 -21.81 -19.61 -18.64
C ALA C 172 -21.59 -18.25 -19.38
N LYS C 173 -21.26 -18.35 -20.64
CA LYS C 173 -21.04 -17.18 -21.43
C LYS C 173 -22.29 -16.33 -21.57
N LEU C 174 -23.41 -16.99 -21.79
CA LEU C 174 -24.71 -16.34 -21.86
C LEU C 174 -25.13 -15.71 -20.56
N PHE C 175 -24.82 -16.38 -19.46
CA PHE C 175 -25.08 -15.82 -18.16
C PHE C 175 -24.34 -14.48 -18.02
N CYS C 176 -23.07 -14.46 -18.41
CA CYS C 176 -22.31 -13.22 -18.38
C CYS C 176 -22.93 -12.16 -19.32
N ARG C 177 -23.28 -12.54 -20.51
CA ARG C 177 -23.86 -11.59 -21.44
C ARG C 177 -25.11 -10.94 -20.89
N THR C 178 -25.98 -11.76 -20.36
CA THR C 178 -27.23 -11.32 -19.80
C THR C 178 -27.04 -10.38 -18.61
N LEU C 179 -26.13 -10.73 -17.73
CA LEU C 179 -25.82 -9.89 -16.63
C LEU C 179 -25.24 -8.53 -17.09
N GLU C 180 -24.35 -8.59 -18.06
CA GLU C 180 -23.80 -7.40 -18.66
C GLU C 180 -24.86 -6.52 -19.34
N GLU C 181 -25.82 -7.13 -20.01
CA GLU C 181 -26.91 -6.39 -20.60
C GLU C 181 -27.77 -5.69 -19.51
N ILE C 182 -28.04 -6.37 -18.43
CA ILE C 182 -28.75 -5.76 -17.34
C ILE C 182 -27.95 -4.57 -16.73
N LEU C 183 -26.68 -4.77 -16.46
CA LEU C 183 -25.84 -3.72 -15.89
C LEU C 183 -25.69 -2.50 -16.81
N ALA C 184 -25.80 -2.74 -18.08
CA ALA C 184 -25.61 -1.70 -19.04
C ALA C 184 -26.67 -0.63 -18.85
N ASP C 185 -27.80 -0.98 -18.27
CA ASP C 185 -28.90 -0.02 -18.05
C ASP C 185 -28.87 0.63 -16.68
N VAL C 186 -27.87 0.31 -15.88
CA VAL C 186 -27.74 0.92 -14.59
C VAL C 186 -26.79 2.11 -14.72
N PRO C 187 -27.19 3.26 -14.22
CA PRO C 187 -26.37 4.45 -14.34
C PRO C 187 -25.03 4.26 -13.63
N GLU C 188 -24.02 4.84 -14.18
CA GLU C 188 -22.68 4.72 -13.67
C GLU C 188 -22.61 5.12 -12.19
N SER C 189 -23.35 6.12 -11.80
CA SER C 189 -23.34 6.63 -10.45
C SER C 189 -23.77 5.55 -9.45
N ARG C 190 -24.55 4.60 -9.91
CA ARG C 190 -25.07 3.53 -9.04
C ARG C 190 -24.51 2.12 -9.24
N ASN C 191 -23.76 1.91 -10.28
CA ASN C 191 -23.18 0.62 -10.54
C ASN C 191 -21.77 0.52 -10.01
N HIS C 192 -21.65 -0.05 -8.84
CA HIS C 192 -20.39 -0.14 -8.16
C HIS C 192 -19.69 -1.49 -8.36
N CYS C 193 -20.28 -2.41 -9.11
CA CYS C 193 -19.64 -3.66 -9.38
C CYS C 193 -18.93 -3.77 -10.72
N ARG C 194 -17.89 -4.58 -10.73
CA ARG C 194 -17.13 -4.81 -11.92
C ARG C 194 -16.90 -6.31 -12.11
N LEU C 195 -17.21 -6.77 -13.30
CA LEU C 195 -17.15 -8.18 -13.65
C LEU C 195 -15.84 -8.56 -14.27
N ILE C 196 -15.21 -9.58 -13.72
CA ILE C 196 -14.01 -10.11 -14.25
C ILE C 196 -14.26 -11.52 -14.79
N VAL C 197 -14.28 -11.60 -16.10
CA VAL C 197 -14.56 -12.77 -16.84
C VAL C 197 -13.30 -13.42 -17.43
N TYR C 198 -13.16 -14.70 -17.18
CA TYR C 198 -12.00 -15.42 -17.65
C TYR C 198 -12.28 -16.90 -17.77
N GLN C 199 -11.54 -17.53 -18.65
CA GLN C 199 -11.52 -18.97 -18.75
C GLN C 199 -10.13 -19.46 -18.49
N GLU C 200 -9.94 -20.03 -17.33
CA GLU C 200 -8.65 -20.53 -16.91
C GLU C 200 -8.11 -21.66 -17.79
N SER C 201 -8.99 -22.56 -18.19
CA SER C 201 -8.69 -23.74 -18.98
C SER C 201 -8.15 -23.42 -20.39
N GLU C 202 -8.39 -22.21 -20.85
CA GLU C 202 -7.79 -21.72 -22.08
C GLU C 202 -6.66 -20.74 -21.92
N GLU C 203 -6.21 -20.51 -20.71
CA GLU C 203 -5.17 -19.53 -20.51
C GLU C 203 -3.84 -20.23 -20.45
N GLY C 204 -2.83 -19.47 -20.13
CA GLY C 204 -1.53 -20.02 -19.97
C GLY C 204 -1.39 -21.09 -18.92
N ASN C 205 -0.31 -21.81 -19.06
CA ASN C 205 0.10 -22.78 -18.07
C ASN C 205 0.33 -22.02 -16.78
N SER C 206 0.64 -20.73 -16.95
CA SER C 206 1.04 -19.80 -15.91
C SER C 206 -0.02 -18.74 -15.52
N PHE C 207 -1.28 -19.03 -15.70
CA PHE C 207 -2.29 -18.02 -15.40
C PHE C 207 -2.20 -17.57 -13.95
N SER C 208 -2.20 -16.28 -13.73
CA SER C 208 -2.30 -15.75 -12.40
C SER C 208 -3.61 -14.96 -12.19
N LEU C 209 -4.42 -15.41 -11.26
CA LEU C 209 -5.64 -14.77 -10.93
C LEU C 209 -5.41 -13.39 -10.41
N SER C 210 -4.42 -13.25 -9.55
CA SER C 210 -4.12 -11.99 -8.97
C SER C 210 -3.71 -10.95 -10.02
N GLN C 211 -2.94 -11.35 -11.01
CA GLN C 211 -2.57 -10.47 -12.10
C GLN C 211 -3.81 -10.03 -12.89
N GLU C 212 -4.73 -10.96 -13.07
CA GLU C 212 -5.97 -10.67 -13.76
C GLU C 212 -6.80 -9.63 -13.01
N VAL C 213 -6.92 -9.75 -11.71
CA VAL C 213 -7.60 -8.77 -10.93
C VAL C 213 -6.87 -7.45 -10.94
N LEU C 214 -5.56 -7.51 -10.84
CA LEU C 214 -4.80 -6.29 -10.81
C LEU C 214 -5.00 -5.46 -12.10
N ARG C 215 -5.06 -6.11 -13.23
CA ARG C 215 -5.26 -5.47 -14.51
C ARG C 215 -6.58 -4.73 -14.52
N HIS C 216 -7.60 -5.40 -14.02
CA HIS C 216 -8.88 -4.78 -13.94
C HIS C 216 -8.86 -3.57 -13.04
N ILE C 217 -8.21 -3.66 -11.89
CA ILE C 217 -8.16 -2.58 -10.94
C ILE C 217 -7.44 -1.37 -11.58
N ARG C 218 -6.38 -1.67 -12.28
CA ARG C 218 -5.59 -0.65 -12.96
C ARG C 218 -6.40 0.06 -14.05
N GLN C 219 -7.19 -0.70 -14.76
CA GLN C 219 -8.08 -0.18 -15.76
C GLN C 219 -9.11 0.73 -15.18
N GLU C 220 -9.64 0.34 -14.05
CA GLU C 220 -10.63 1.11 -13.40
C GLU C 220 -10.06 2.44 -12.95
N GLU C 221 -8.85 2.38 -12.44
CA GLU C 221 -8.21 3.60 -12.02
C GLU C 221 -7.94 4.50 -13.22
N ALA C 222 -7.49 3.95 -14.31
CA ALA C 222 -7.26 4.76 -15.50
C ALA C 222 -8.54 5.41 -16.03
N ALA C 223 -9.61 4.64 -16.00
CA ALA C 223 -10.86 5.11 -16.50
C ALA C 223 -11.42 6.19 -15.64
N ALA C 224 -11.07 6.23 -14.38
CA ALA C 224 -11.65 7.17 -13.48
C ALA C 224 -10.93 8.47 -13.51
N ALA C 225 -10.02 8.59 -14.43
CA ALA C 225 -9.30 9.81 -14.76
C ALA C 225 -7.93 9.69 -14.16
N SER D 11 45.73 -9.19 -16.13
CA SER D 11 47.07 -8.87 -15.74
C SER D 11 47.21 -8.28 -14.37
N SER D 12 47.03 -6.98 -14.25
CA SER D 12 47.16 -6.27 -12.98
C SER D 12 46.12 -6.70 -11.95
N GLY D 13 44.90 -6.91 -12.42
CA GLY D 13 43.74 -7.13 -11.59
C GLY D 13 42.93 -5.89 -11.23
N GLU D 14 43.37 -4.76 -11.74
CA GLU D 14 42.74 -3.47 -11.49
C GLU D 14 41.35 -3.47 -12.10
N ASN D 15 40.37 -2.83 -11.47
CA ASN D 15 39.09 -2.68 -12.09
C ASN D 15 39.24 -1.52 -13.05
N LEU D 16 39.22 -1.86 -14.30
CA LEU D 16 39.45 -0.96 -15.39
C LEU D 16 38.36 0.09 -15.54
N TYR D 17 37.29 0.01 -14.71
CA TYR D 17 36.12 0.89 -14.77
C TYR D 17 36.04 2.00 -13.74
N PHE D 18 36.57 1.73 -12.56
CA PHE D 18 36.45 2.63 -11.43
C PHE D 18 37.72 3.42 -11.20
N GLN D 19 38.57 3.41 -12.21
CA GLN D 19 39.84 4.14 -12.19
C GLN D 19 39.86 5.63 -12.00
N GLY D 20 40.90 6.05 -11.32
CA GLY D 20 41.28 7.41 -11.09
C GLY D 20 41.88 8.00 -12.32
N SER D 21 42.15 9.26 -12.22
CA SER D 21 42.59 10.02 -13.30
C SER D 21 43.97 10.59 -13.08
N HIS D 22 44.68 10.00 -12.13
CA HIS D 22 46.06 10.33 -11.90
C HIS D 22 46.22 11.79 -11.50
N MET D 23 45.19 12.34 -10.91
CA MET D 23 45.24 13.69 -10.45
C MET D 23 44.85 13.78 -8.97
N ALA D 24 45.31 14.81 -8.31
CA ALA D 24 44.99 14.94 -6.91
C ALA D 24 43.47 15.05 -6.69
N PRO D 25 42.98 14.53 -5.59
CA PRO D 25 41.54 14.68 -5.28
C PRO D 25 41.19 16.09 -4.90
N ALA D 26 39.94 16.46 -5.06
CA ALA D 26 39.44 17.77 -4.65
C ALA D 26 39.47 18.01 -3.14
N GLU D 27 39.22 16.95 -2.40
CA GLU D 27 39.22 16.94 -0.97
C GLU D 27 40.09 15.77 -0.41
N VAL D 28 40.74 16.02 0.71
CA VAL D 28 41.72 15.12 1.32
C VAL D 28 41.19 14.35 2.56
N SER D 29 39.93 14.07 2.53
CA SER D 29 39.30 13.20 3.48
C SER D 29 38.19 12.43 2.80
N ALA D 30 37.65 11.42 3.45
CA ALA D 30 36.46 10.75 2.95
C ALA D 30 35.37 11.78 3.02
N VAL D 31 34.68 12.02 1.93
CA VAL D 31 33.60 12.96 1.96
C VAL D 31 32.18 12.41 1.70
N CYS D 32 32.06 11.12 1.43
CA CYS D 32 30.81 10.44 1.17
C CYS D 32 31.01 8.94 0.96
N GLU D 33 29.98 8.24 0.56
CA GLU D 33 30.12 6.90 0.12
C GLU D 33 30.37 7.02 -1.39
N GLU D 34 31.62 7.23 -1.73
CA GLU D 34 32.05 7.78 -3.00
C GLU D 34 31.80 6.83 -4.15
N LYS D 35 31.20 7.35 -5.22
CA LYS D 35 30.92 6.65 -6.46
C LYS D 35 31.82 7.20 -7.60
N ASN D 36 32.11 6.33 -8.55
CA ASN D 36 32.83 6.70 -9.75
C ASN D 36 31.93 6.48 -10.97
N PHE D 37 31.53 7.58 -11.56
CA PHE D 37 30.61 7.59 -12.67
C PHE D 37 31.28 8.10 -13.95
N ASN D 38 32.60 8.03 -14.05
CA ASN D 38 33.32 8.59 -15.19
C ASN D 38 32.84 7.95 -16.51
N VAL D 39 32.54 6.67 -16.46
CA VAL D 39 32.01 6.02 -17.67
C VAL D 39 30.66 6.64 -18.11
N ALA D 40 29.75 6.75 -17.17
CA ALA D 40 28.45 7.36 -17.45
C ALA D 40 28.56 8.78 -18.00
N HIS D 41 29.41 9.60 -17.40
CA HIS D 41 29.60 10.94 -17.89
C HIS D 41 30.14 10.98 -19.32
N GLY D 42 31.10 10.12 -19.58
CA GLY D 42 31.72 10.06 -20.88
C GLY D 42 30.76 9.60 -21.97
N LEU D 43 29.92 8.66 -21.59
CA LEU D 43 28.89 8.15 -22.48
C LEU D 43 27.90 9.22 -22.86
N ALA D 44 27.49 10.03 -21.88
CA ALA D 44 26.57 11.11 -22.14
C ALA D 44 27.15 12.18 -23.05
N TRP D 45 28.34 12.64 -22.73
CA TRP D 45 28.97 13.62 -23.57
C TRP D 45 29.22 13.06 -25.01
N SER D 46 29.65 11.84 -25.11
CA SER D 46 29.93 11.25 -26.38
C SER D 46 28.64 11.22 -27.24
N TYR D 47 27.58 10.84 -26.60
CA TYR D 47 26.29 10.77 -27.27
C TYR D 47 25.76 12.15 -27.71
N TYR D 48 25.87 13.11 -26.81
CA TYR D 48 25.41 14.41 -27.14
C TYR D 48 26.22 15.07 -28.27
N ILE D 49 27.54 15.12 -28.14
CA ILE D 49 28.39 15.70 -29.16
C ILE D 49 28.39 14.90 -30.48
N GLY D 50 28.61 13.62 -30.36
CA GLY D 50 28.71 12.69 -31.43
C GLY D 50 27.48 12.37 -32.24
N TYR D 51 26.30 12.53 -31.64
CA TYR D 51 25.04 12.24 -32.30
C TYR D 51 24.02 13.40 -32.24
N LEU D 52 23.65 13.78 -31.03
CA LEU D 52 22.56 14.72 -30.88
C LEU D 52 22.81 16.08 -31.51
N LYS D 53 24.00 16.59 -31.31
CA LYS D 53 24.39 17.84 -31.91
C LYS D 53 24.32 17.77 -33.43
N LEU D 54 24.63 16.61 -33.98
CA LEU D 54 24.52 16.33 -35.38
C LEU D 54 23.12 16.14 -35.99
N ILE D 55 22.24 15.44 -35.27
CA ILE D 55 20.94 15.12 -35.75
C ILE D 55 19.88 16.19 -35.54
N LEU D 56 20.02 16.98 -34.49
CA LEU D 56 18.95 17.89 -34.13
C LEU D 56 18.71 19.07 -35.10
N PRO D 57 19.82 19.70 -35.52
CA PRO D 57 19.69 20.87 -36.40
C PRO D 57 19.00 20.45 -37.70
N GLY D 58 17.96 21.16 -38.04
CA GLY D 58 17.22 20.91 -39.23
C GLY D 58 16.20 19.81 -39.09
N LEU D 59 16.02 19.30 -37.91
CA LEU D 59 15.11 18.19 -37.74
C LEU D 59 13.68 18.57 -38.15
N GLN D 60 13.32 19.81 -37.88
CA GLN D 60 11.97 20.23 -38.19
C GLN D 60 11.63 20.21 -39.69
N ALA D 61 12.59 20.53 -40.51
CA ALA D 61 12.42 20.45 -41.93
C ALA D 61 12.13 19.01 -42.38
N ARG D 62 12.84 18.05 -41.81
CA ARG D 62 12.67 16.68 -42.15
C ARG D 62 11.25 16.26 -41.77
N ILE D 63 10.78 16.76 -40.65
CA ILE D 63 9.43 16.51 -40.19
C ILE D 63 8.38 17.10 -41.15
N ARG D 64 8.59 18.32 -41.58
CA ARG D 64 7.67 18.92 -42.52
C ARG D 64 7.65 18.13 -43.82
N MET D 65 8.79 17.71 -44.29
CA MET D 65 8.88 16.89 -45.48
C MET D 65 8.14 15.53 -45.33
N PHE D 66 8.26 14.92 -44.17
CA PHE D 66 7.58 13.70 -43.92
C PHE D 66 6.06 13.90 -44.04
N ASN D 67 5.58 15.00 -43.48
CA ASN D 67 4.17 15.32 -43.49
C ASN D 67 3.59 15.52 -44.89
N GLN D 68 4.37 16.17 -45.74
CA GLN D 68 4.08 16.35 -47.15
C GLN D 68 3.98 15.03 -47.87
N LEU D 69 4.88 14.11 -47.60
CA LEU D 69 4.89 12.84 -48.29
C LEU D 69 4.03 11.78 -47.69
N HIS D 70 3.55 11.98 -46.47
CA HIS D 70 2.88 10.94 -45.70
C HIS D 70 1.51 11.29 -45.13
N ASN D 71 0.88 12.26 -45.76
CA ASN D 71 -0.44 12.68 -45.40
C ASN D 71 -0.55 13.23 -43.97
N ASN D 72 0.39 14.07 -43.58
CA ASN D 72 0.35 14.74 -42.29
C ASN D 72 0.28 13.83 -41.07
N MET D 73 0.95 12.71 -41.18
CA MET D 73 0.96 11.73 -40.12
C MET D 73 1.54 12.27 -38.80
N LEU D 74 2.59 13.08 -38.91
CA LEU D 74 3.20 13.74 -37.76
C LEU D 74 2.60 15.14 -37.76
N SER D 75 1.33 15.18 -37.43
CA SER D 75 0.64 16.41 -37.09
C SER D 75 0.67 16.63 -35.59
N GLY D 76 0.82 17.87 -35.22
CA GLY D 76 0.76 18.23 -33.86
C GLY D 76 2.08 18.33 -33.21
N ALA D 77 2.14 19.18 -32.23
CA ALA D 77 3.40 19.41 -31.54
C ALA D 77 3.94 18.15 -30.92
N GLY D 78 3.06 17.30 -30.43
CA GLY D 78 3.47 16.07 -29.83
C GLY D 78 4.24 15.18 -30.78
N SER D 79 3.99 15.29 -32.06
CA SER D 79 4.65 14.46 -33.04
C SER D 79 5.93 15.06 -33.62
N ARG D 80 6.26 16.27 -33.26
CA ARG D 80 7.35 16.97 -33.87
C ARG D 80 8.69 16.84 -33.13
N ARG D 81 8.88 15.78 -32.38
CA ARG D 81 10.02 15.64 -31.52
C ARG D 81 10.68 14.32 -31.81
N LEU D 82 11.97 14.24 -31.51
CA LEU D 82 12.68 13.00 -31.53
C LEU D 82 12.58 12.32 -30.14
N TYR D 83 11.82 11.26 -30.04
CA TYR D 83 11.69 10.62 -28.78
C TYR D 83 12.75 9.53 -28.65
N ILE D 84 13.50 9.57 -27.58
CA ILE D 84 14.55 8.62 -27.33
C ILE D 84 14.27 7.80 -26.06
N LEU D 85 14.33 6.51 -26.20
CA LEU D 85 14.04 5.56 -25.15
C LEU D 85 15.26 5.18 -24.31
N PHE D 86 15.08 5.17 -23.01
CA PHE D 86 16.14 4.95 -22.06
C PHE D 86 15.72 3.88 -21.07
N PRO D 87 15.82 2.66 -21.52
CA PRO D 87 15.47 1.53 -20.66
C PRO D 87 16.57 1.32 -19.68
N LEU D 88 16.28 1.55 -18.42
CA LEU D 88 17.23 1.52 -17.34
C LEU D 88 17.84 0.12 -17.09
N ASP D 89 17.16 -0.93 -17.52
CA ASP D 89 17.73 -2.26 -17.46
C ASP D 89 18.81 -2.44 -18.53
N CYS D 90 18.85 -1.52 -19.45
CA CYS D 90 19.87 -1.41 -20.44
C CYS D 90 19.83 -2.36 -21.64
N GLY D 91 18.87 -3.26 -21.71
CA GLY D 91 18.83 -4.11 -22.87
C GLY D 91 18.16 -3.36 -23.99
N VAL D 92 18.86 -3.16 -25.08
CA VAL D 92 18.29 -2.48 -26.22
C VAL D 92 18.00 -3.45 -27.36
N PRO D 93 16.74 -3.58 -27.72
CA PRO D 93 16.31 -4.51 -28.77
C PRO D 93 16.65 -4.01 -30.16
N ASP D 94 16.67 -4.89 -31.13
CA ASP D 94 16.93 -4.48 -32.45
C ASP D 94 15.65 -4.20 -33.25
N ASP D 95 14.50 -4.61 -32.76
CA ASP D 95 13.25 -4.33 -33.41
C ASP D 95 12.17 -3.82 -32.45
N LEU D 96 11.64 -2.64 -32.70
CA LEU D 96 10.63 -2.04 -31.86
C LEU D 96 9.30 -2.81 -31.83
N SER D 97 8.94 -3.38 -32.96
CA SER D 97 7.74 -4.20 -33.07
C SER D 97 7.80 -5.46 -32.25
N VAL D 98 8.96 -6.05 -32.15
CA VAL D 98 9.20 -7.15 -31.27
C VAL D 98 9.04 -6.71 -29.83
N ALA D 99 9.58 -5.55 -29.51
CA ALA D 99 9.51 -5.03 -28.17
C ALA D 99 8.09 -4.76 -27.74
N ASP D 100 7.31 -4.15 -28.60
CA ASP D 100 5.90 -4.04 -28.41
C ASP D 100 5.17 -4.16 -29.76
N PRO D 101 4.23 -5.10 -29.86
CA PRO D 101 3.52 -5.29 -31.11
C PRO D 101 2.68 -4.11 -31.51
N ASN D 102 2.41 -3.26 -30.58
CA ASN D 102 1.62 -2.10 -30.79
C ASN D 102 2.42 -0.92 -31.36
N ILE D 103 3.69 -1.16 -31.64
CA ILE D 103 4.51 -0.14 -32.23
C ILE D 103 4.82 -0.58 -33.65
N ARG D 104 4.27 0.13 -34.61
CA ARG D 104 4.30 -0.28 -35.98
C ARG D 104 5.12 0.65 -36.87
N PHE D 105 6.09 0.14 -37.57
CA PHE D 105 6.90 0.91 -38.45
C PHE D 105 6.05 1.44 -39.58
N ARG D 106 6.24 2.69 -39.91
CA ARG D 106 5.61 3.31 -41.03
C ARG D 106 6.58 3.71 -42.18
N ASP D 107 7.50 4.60 -41.89
CA ASP D 107 8.54 4.95 -42.83
C ASP D 107 9.64 5.72 -42.16
N MET D 108 10.73 5.90 -42.88
CA MET D 108 11.78 6.73 -42.41
C MET D 108 11.63 8.25 -42.66
N LEU D 109 12.30 9.04 -41.86
CA LEU D 109 12.37 10.45 -42.08
C LEU D 109 13.26 10.77 -43.27
N PRO D 110 12.72 11.50 -44.24
CA PRO D 110 13.50 11.84 -45.40
C PRO D 110 14.63 12.80 -45.09
N GLN D 111 15.61 12.83 -45.95
CA GLN D 111 16.73 13.75 -45.91
C GLN D 111 16.49 14.98 -46.80
N GLN D 112 16.92 16.13 -46.31
CA GLN D 112 16.72 17.38 -46.99
C GLN D 112 17.98 17.89 -47.68
N ASN D 113 17.83 18.54 -48.82
CA ASN D 113 18.96 19.19 -49.39
C ASN D 113 19.10 20.50 -48.64
N THR D 114 20.14 20.58 -47.85
CA THR D 114 20.28 21.68 -46.90
C THR D 114 20.40 23.04 -47.57
N ASP D 115 19.69 24.02 -47.03
CA ASP D 115 19.87 25.40 -47.40
C ASP D 115 20.36 26.27 -46.26
N ARG D 116 20.65 25.65 -45.14
CA ARG D 116 21.15 26.36 -43.98
C ARG D 116 22.65 26.06 -43.69
N ALA D 117 23.37 27.08 -43.24
CA ALA D 117 24.78 26.98 -42.99
C ALA D 117 25.14 26.01 -41.87
N GLY D 118 24.28 25.93 -40.88
CA GLY D 118 24.49 25.04 -39.76
C GLY D 118 24.02 23.61 -39.89
N VAL D 119 23.35 23.29 -40.98
CA VAL D 119 22.81 21.99 -41.23
C VAL D 119 23.51 21.37 -42.39
N LYS D 120 24.15 20.26 -42.12
CA LYS D 120 24.81 19.44 -43.13
C LYS D 120 23.91 18.40 -43.79
N ASN D 121 24.27 17.99 -45.00
CA ASN D 121 23.58 16.88 -45.58
C ASN D 121 24.13 15.64 -44.87
N ARG D 122 23.23 14.91 -44.22
CA ARG D 122 23.61 13.74 -43.42
C ARG D 122 22.78 12.55 -43.85
N ALA D 123 23.06 11.37 -43.34
CA ALA D 123 22.23 10.26 -43.69
C ALA D 123 21.62 9.36 -42.59
N TYR D 124 21.33 9.93 -41.45
CA TYR D 124 20.79 9.14 -40.37
C TYR D 124 19.43 8.50 -40.72
N SER D 125 19.30 7.25 -40.32
CA SER D 125 18.08 6.51 -40.44
C SER D 125 17.30 6.86 -39.18
N ASN D 126 16.31 7.69 -39.30
CA ASN D 126 15.39 7.90 -38.22
C ASN D 126 14.04 7.42 -38.70
N SER D 127 13.35 6.70 -37.85
CA SER D 127 12.15 5.98 -38.14
C SER D 127 10.92 6.47 -37.41
N VAL D 128 9.84 6.54 -38.17
CA VAL D 128 8.54 6.90 -37.67
C VAL D 128 7.63 5.66 -37.48
N TYR D 129 6.98 5.59 -36.34
CA TYR D 129 6.12 4.50 -35.95
C TYR D 129 4.73 5.02 -35.58
N GLU D 130 3.75 4.22 -35.87
CA GLU D 130 2.44 4.43 -35.33
C GLU D 130 2.27 3.67 -34.03
N LEU D 131 1.60 4.26 -33.07
CA LEU D 131 1.34 3.64 -31.81
C LEU D 131 -0.14 3.27 -31.65
N LEU D 132 -0.38 2.03 -31.30
CA LEU D 132 -1.71 1.51 -31.16
C LEU D 132 -2.19 1.40 -29.72
N GLU D 133 -3.42 1.82 -29.52
CA GLU D 133 -4.12 1.65 -28.27
C GLU D 133 -5.53 1.10 -28.50
N ASN D 134 -5.79 -0.09 -27.97
CA ASN D 134 -7.09 -0.73 -28.15
C ASN D 134 -7.51 -0.78 -29.62
N GLY D 135 -6.58 -1.06 -30.49
CA GLY D 135 -5.83 -0.20 -31.32
C GLY D 135 -5.82 -0.31 -32.83
N GLN D 136 -6.25 0.77 -33.45
CA GLN D 136 -5.87 1.12 -34.80
C GLN D 136 -4.89 2.17 -34.28
N PRO D 137 -4.26 3.00 -35.22
CA PRO D 137 -3.47 4.09 -34.63
C PRO D 137 -3.81 5.18 -33.61
N ALA D 138 -3.18 5.18 -32.43
CA ALA D 138 -3.40 6.32 -31.43
C ALA D 138 -2.42 7.56 -31.31
N GLY D 139 -1.36 7.43 -32.01
CA GLY D 139 -0.29 8.37 -32.21
C GLY D 139 0.75 7.99 -33.23
N ALA D 140 1.60 8.93 -33.60
CA ALA D 140 2.74 8.66 -34.46
C ALA D 140 3.91 9.46 -33.93
N CYS D 141 5.10 8.90 -33.94
CA CYS D 141 6.27 9.64 -33.60
C CYS D 141 7.53 9.00 -34.11
N ILE D 142 8.58 9.79 -34.09
CA ILE D 142 9.92 9.37 -34.38
C ILE D 142 10.49 8.79 -33.09
N LEU D 143 10.95 7.57 -33.17
CA LEU D 143 11.33 6.81 -32.00
C LEU D 143 12.59 5.98 -32.19
N GLU D 144 13.43 6.01 -31.19
CA GLU D 144 14.64 5.20 -31.13
C GLU D 144 15.16 5.05 -29.67
N TYR D 145 16.14 4.17 -29.48
CA TYR D 145 16.77 3.90 -28.20
C TYR D 145 18.06 4.71 -28.02
N ALA D 146 18.44 4.96 -26.77
CA ALA D 146 19.67 5.65 -26.48
C ALA D 146 20.84 4.67 -26.55
N THR D 147 21.64 4.83 -27.56
CA THR D 147 22.60 3.80 -27.94
C THR D 147 23.55 3.36 -26.82
N PRO D 148 24.02 4.29 -26.00
CA PRO D 148 25.05 3.95 -25.01
C PRO D 148 24.64 2.99 -23.90
N LEU D 149 23.32 2.84 -23.72
CA LEU D 149 22.83 1.93 -22.73
C LEU D 149 23.34 0.52 -23.03
N GLN D 150 23.44 0.22 -24.30
CA GLN D 150 23.95 -1.08 -24.70
C GLN D 150 25.39 -1.34 -24.30
N THR D 151 26.17 -0.28 -24.26
CA THR D 151 27.55 -0.39 -23.82
C THR D 151 27.59 -0.78 -22.33
N LEU D 152 26.75 -0.13 -21.55
CA LEU D 152 26.64 -0.47 -20.14
C LEU D 152 26.19 -1.91 -19.98
N PHE D 153 25.23 -2.33 -20.78
CA PHE D 153 24.77 -3.67 -20.69
C PHE D 153 25.94 -4.60 -20.99
N ALA D 154 26.69 -4.28 -22.02
CA ALA D 154 27.81 -5.12 -22.41
C ALA D 154 28.88 -5.21 -21.33
N MET D 155 29.12 -4.10 -20.69
CA MET D 155 30.06 -4.02 -19.61
C MET D 155 29.65 -4.92 -18.42
N SER D 156 28.37 -5.08 -18.20
CA SER D 156 27.82 -5.96 -17.19
C SER D 156 27.91 -7.46 -17.46
N GLN D 157 27.85 -7.81 -18.72
CA GLN D 157 27.87 -9.18 -19.16
C GLN D 157 29.23 -9.83 -18.97
N ASP D 158 30.27 -9.03 -18.86
CA ASP D 158 31.61 -9.58 -18.71
C ASP D 158 31.75 -9.91 -17.26
N GLY D 159 31.70 -11.19 -16.94
CA GLY D 159 31.61 -11.62 -15.55
C GLY D 159 32.74 -11.24 -14.60
N LYS D 160 33.99 -11.36 -15.02
CA LYS D 160 35.08 -11.03 -14.10
C LYS D 160 35.00 -9.56 -13.75
N ALA D 161 34.83 -8.75 -14.77
CA ALA D 161 34.97 -7.31 -14.61
C ALA D 161 34.02 -6.87 -13.53
N GLY D 162 33.09 -7.74 -13.23
CA GLY D 162 32.46 -7.71 -11.96
C GLY D 162 31.51 -6.56 -11.76
N PHE D 163 31.19 -5.86 -12.87
CA PHE D 163 30.24 -4.72 -12.93
C PHE D 163 28.89 -5.33 -12.83
N SER D 164 28.32 -5.19 -11.64
CA SER D 164 27.04 -5.80 -11.34
C SER D 164 25.87 -5.08 -11.88
N ARG D 165 24.76 -5.77 -11.82
CA ARG D 165 23.53 -5.24 -12.26
C ARG D 165 23.18 -3.99 -11.47
N GLU D 166 23.50 -3.98 -10.17
CA GLU D 166 23.33 -2.82 -9.33
C GLU D 166 24.21 -1.66 -9.76
N ASP D 167 25.45 -1.94 -10.07
CA ASP D 167 26.30 -0.91 -10.56
C ASP D 167 25.82 -0.34 -11.94
N ARG D 168 25.34 -1.22 -12.78
CA ARG D 168 24.86 -0.89 -14.08
C ARG D 168 23.70 0.07 -14.00
N LEU D 169 22.76 -0.22 -13.12
CA LEU D 169 21.61 0.61 -12.94
C LEU D 169 22.00 2.01 -12.42
N GLU D 170 22.95 2.09 -11.51
CA GLU D 170 23.44 3.36 -11.03
C GLU D 170 24.07 4.20 -12.12
N GLN D 171 24.90 3.57 -12.94
CA GLN D 171 25.50 4.21 -14.08
C GLN D 171 24.47 4.68 -15.10
N ALA D 172 23.51 3.83 -15.37
CA ALA D 172 22.48 4.15 -16.29
C ALA D 172 21.69 5.40 -15.84
N LYS D 173 21.32 5.46 -14.58
CA LYS D 173 20.66 6.61 -14.03
C LYS D 173 21.54 7.89 -14.14
N LEU D 174 22.80 7.72 -13.87
CA LEU D 174 23.75 8.81 -13.98
C LEU D 174 23.92 9.29 -15.41
N PHE D 175 23.88 8.34 -16.32
CA PHE D 175 24.02 8.65 -17.70
C PHE D 175 22.86 9.58 -18.09
N CYS D 176 21.66 9.22 -17.68
CA CYS D 176 20.47 10.02 -17.91
C CYS D 176 20.56 11.40 -17.26
N ARG D 177 21.02 11.43 -16.04
CA ARG D 177 21.14 12.69 -15.34
C ARG D 177 22.09 13.63 -16.07
N THR D 178 23.22 13.10 -16.48
CA THR D 178 24.23 13.89 -17.12
C THR D 178 23.69 14.48 -18.45
N LEU D 179 23.07 13.66 -19.24
CA LEU D 179 22.51 14.07 -20.51
C LEU D 179 21.45 15.13 -20.33
N GLU D 180 20.61 14.96 -19.34
CA GLU D 180 19.60 15.95 -18.97
C GLU D 180 20.23 17.28 -18.52
N GLU D 181 21.32 17.21 -17.79
CA GLU D 181 22.01 18.41 -17.40
C GLU D 181 22.55 19.14 -18.65
N ILE D 182 23.07 18.38 -19.60
CA ILE D 182 23.56 18.96 -20.82
C ILE D 182 22.43 19.62 -21.62
N LEU D 183 21.35 18.91 -21.78
CA LEU D 183 20.20 19.40 -22.51
C LEU D 183 19.53 20.61 -21.87
N ALA D 184 19.71 20.76 -20.58
CA ALA D 184 19.16 21.88 -19.87
C ALA D 184 19.78 23.21 -20.35
N ASP D 185 20.94 23.13 -20.98
CA ASP D 185 21.60 24.32 -21.45
C ASP D 185 21.34 24.62 -22.92
N VAL D 186 20.48 23.83 -23.52
CA VAL D 186 20.09 24.00 -24.87
C VAL D 186 18.71 24.68 -24.90
N PRO D 187 18.63 25.77 -25.63
CA PRO D 187 17.40 26.53 -25.70
C PRO D 187 16.29 25.65 -26.27
N GLU D 188 15.09 25.89 -25.84
CA GLU D 188 13.92 25.15 -26.25
C GLU D 188 13.80 25.17 -27.75
N SER D 189 14.10 26.29 -28.38
CA SER D 189 13.89 26.46 -29.81
C SER D 189 14.75 25.50 -30.63
N ARG D 190 15.81 25.01 -30.02
CA ARG D 190 16.70 24.08 -30.66
C ARG D 190 16.70 22.63 -30.12
N ASN D 191 16.04 22.41 -29.01
CA ASN D 191 16.06 21.12 -28.42
C ASN D 191 14.81 20.33 -28.85
N HIS D 192 14.94 19.56 -29.91
CA HIS D 192 13.84 18.79 -30.48
C HIS D 192 13.68 17.37 -29.94
N CYS D 193 14.54 16.97 -29.03
CA CYS D 193 14.50 15.62 -28.50
C CYS D 193 13.81 15.54 -27.16
N ARG D 194 13.24 14.38 -26.86
CA ARG D 194 12.59 14.19 -25.61
C ARG D 194 13.00 12.80 -25.11
N LEU D 195 13.40 12.72 -23.86
CA LEU D 195 13.89 11.50 -23.27
C LEU D 195 12.79 10.74 -22.52
N ILE D 196 12.67 9.47 -22.80
CA ILE D 196 11.72 8.67 -22.11
C ILE D 196 12.48 7.64 -21.30
N VAL D 197 12.46 7.82 -19.99
CA VAL D 197 13.20 7.02 -19.07
C VAL D 197 12.26 6.11 -18.27
N TYR D 198 12.59 4.83 -18.25
CA TYR D 198 11.78 3.82 -17.60
C TYR D 198 12.61 2.60 -17.22
N GLN D 199 12.13 1.88 -16.22
CA GLN D 199 12.69 0.62 -15.89
C GLN D 199 11.70 -0.51 -15.90
N GLU D 200 11.79 -1.31 -16.93
CA GLU D 200 10.86 -2.39 -17.15
C GLU D 200 10.64 -3.43 -16.02
N SER D 201 11.74 -3.71 -15.37
CA SER D 201 11.78 -4.75 -14.37
C SER D 201 11.06 -4.33 -13.12
N GLU D 202 10.83 -3.04 -12.98
CA GLU D 202 10.03 -2.47 -11.91
C GLU D 202 8.59 -2.26 -12.31
N GLU D 203 8.30 -2.33 -13.58
CA GLU D 203 6.99 -2.16 -14.14
C GLU D 203 6.01 -3.31 -13.97
N GLY D 204 6.49 -4.50 -13.76
CA GLY D 204 5.57 -5.61 -13.65
C GLY D 204 5.30 -6.19 -15.01
N ASN D 205 4.72 -7.36 -15.03
CA ASN D 205 4.61 -8.11 -16.26
C ASN D 205 3.64 -7.55 -17.29
N SER D 206 2.93 -6.53 -16.90
CA SER D 206 1.96 -5.95 -17.75
C SER D 206 2.50 -4.75 -18.49
N PHE D 207 3.79 -4.52 -18.50
CA PHE D 207 4.32 -3.27 -19.05
C PHE D 207 4.05 -3.11 -20.53
N SER D 208 3.60 -1.92 -20.90
CA SER D 208 3.37 -1.56 -22.29
C SER D 208 4.27 -0.41 -22.70
N LEU D 209 5.23 -0.67 -23.56
CA LEU D 209 6.11 0.37 -24.04
C LEU D 209 5.36 1.44 -24.79
N SER D 210 4.40 1.04 -25.61
CA SER D 210 3.61 1.98 -26.38
C SER D 210 2.84 2.89 -25.47
N GLN D 211 2.33 2.39 -24.39
CA GLN D 211 1.66 3.23 -23.42
C GLN D 211 2.58 4.27 -22.75
N GLU D 212 3.80 3.84 -22.45
CA GLU D 212 4.79 4.72 -21.93
C GLU D 212 5.08 5.84 -22.92
N VAL D 213 5.25 5.55 -24.20
CA VAL D 213 5.49 6.60 -25.17
C VAL D 213 4.31 7.53 -25.32
N LEU D 214 3.13 6.94 -25.39
CA LEU D 214 1.94 7.68 -25.59
C LEU D 214 1.72 8.73 -24.46
N ARG D 215 2.06 8.39 -23.25
CA ARG D 215 1.95 9.33 -22.17
C ARG D 215 2.85 10.55 -22.39
N HIS D 216 4.07 10.31 -22.87
CA HIS D 216 4.93 11.42 -23.17
C HIS D 216 4.42 12.27 -24.32
N ILE D 217 3.91 11.64 -25.37
CA ILE D 217 3.41 12.40 -26.50
C ILE D 217 2.25 13.29 -26.00
N ARG D 218 1.45 12.74 -25.12
CA ARG D 218 0.35 13.48 -24.57
C ARG D 218 0.76 14.71 -23.79
N GLN D 219 1.77 14.55 -22.95
CA GLN D 219 2.33 15.65 -22.21
C GLN D 219 2.91 16.72 -23.12
N GLU D 220 3.57 16.31 -24.16
CA GLU D 220 4.15 17.25 -25.08
C GLU D 220 3.09 18.10 -25.79
N GLU D 221 2.03 17.47 -26.19
CA GLU D 221 0.92 18.18 -26.80
C GLU D 221 0.33 19.21 -25.85
N ALA D 222 0.16 18.82 -24.61
CA ALA D 222 -0.37 19.70 -23.63
C ALA D 222 0.59 20.81 -23.21
N ALA D 223 1.75 20.86 -23.79
CA ALA D 223 2.69 21.94 -23.53
C ALA D 223 2.93 22.81 -24.75
#